data_5Y4F
#
_entry.id   5Y4F
#
_cell.length_a   29.304
_cell.length_b   127.803
_cell.length_c   257.550
_cell.angle_alpha   90.000
_cell.angle_beta   90.000
_cell.angle_gamma   90.000
#
_symmetry.space_group_name_H-M   'P 21 21 21'
#
loop_
_entity.id
_entity.type
_entity.pdbx_description
1 polymer Ankyrin-2
2 non-polymer 'CALCIUM ION'
3 non-polymer 'ACETATE ION'
4 water water
#
_entity_poly.entity_id   1
_entity_poly.type   'polypeptide(L)'
_entity_poly.pdbx_seq_one_letter_code
;SGLTPIHVAAFMGHLNIVLLLLQNGASPDVTNIRGETALHMAARAGQVEVVRCLLRNGALVDARAREEQTPLHIASRLGK
TEIVQLLLQHMAHPDAATTNGYTPLHISAREGQVDVASVLLEAGAAHSLATKKGFTPLHVAAKYGSLDVAKLLLQRRAAA
DSAGKNGLTPLHVAAHYDNQKVALLLLEKGASPHATAKNGYTPLHIAAKKNQMQIASTLLNYGAETNIVTKQGVTPLHLA
SQEGHTDMVTLLLDKGANIHMSTKSGLTSLHLAAQEDKVNVADILTKHGADQDAHTKLGYTPLIVACHYGNVKMVNFLLK
QGANVNAKTKNGYTPLHQAAQQGHTHIINVLLQHGAKPNATTANGNTALAIAKRLGYISVVDTLKVVTEEVTTTTTTITE
KHKLNVPETMTEVLDVSDEEGDDTMTGDGGEYLRPEDLKELGDD
;
_entity_poly.pdbx_strand_id   A,B
#
loop_
_chem_comp.id
_chem_comp.type
_chem_comp.name
_chem_comp.formula
ACT non-polymer 'ACETATE ION' 'C2 H3 O2 -1'
CA non-polymer 'CALCIUM ION' 'Ca 2'
#
# COMPACT_ATOMS: atom_id res chain seq x y z
N GLY A 2 20.73 -4.82 -15.22
CA GLY A 2 21.72 -5.68 -15.87
C GLY A 2 22.86 -4.90 -16.48
N LEU A 3 23.86 -4.56 -15.67
CA LEU A 3 24.89 -3.61 -16.07
C LEU A 3 25.91 -4.21 -17.04
N THR A 4 26.43 -3.36 -17.90
CA THR A 4 27.57 -3.62 -18.76
C THR A 4 28.78 -2.85 -18.24
N PRO A 5 29.98 -3.10 -18.78
CA PRO A 5 31.16 -2.37 -18.27
C PRO A 5 31.05 -0.86 -18.36
N ILE A 6 30.51 -0.30 -19.45
CA ILE A 6 30.44 1.16 -19.53
C ILE A 6 29.45 1.74 -18.50
N HIS A 7 28.40 0.99 -18.11
CA HIS A 7 27.49 1.47 -17.06
C HIS A 7 28.24 1.62 -15.74
N VAL A 8 29.03 0.62 -15.38
CA VAL A 8 29.78 0.61 -14.13
C VAL A 8 30.82 1.72 -14.12
N ALA A 9 31.68 1.76 -15.15
CA ALA A 9 32.67 2.83 -15.24
C ALA A 9 32.03 4.22 -15.14
N ALA A 10 30.91 4.44 -15.83
CA ALA A 10 30.27 5.75 -15.83
C ALA A 10 29.74 6.10 -14.44
N PHE A 11 29.01 5.17 -13.81
CA PHE A 11 28.46 5.47 -12.48
C PHE A 11 29.56 5.80 -11.49
N MET A 12 30.65 5.03 -11.51
CA MET A 12 31.77 5.19 -10.58
C MET A 12 32.65 6.38 -10.92
N GLY A 13 32.45 6.98 -12.10
CA GLY A 13 33.30 8.08 -12.51
C GLY A 13 34.69 7.65 -12.87
N HIS A 14 34.86 6.43 -13.38
CA HIS A 14 36.18 5.94 -13.83
C HIS A 14 36.37 6.41 -15.25
N LEU A 15 36.80 7.68 -15.38
CA LEU A 15 36.88 8.29 -16.70
C LEU A 15 37.91 7.58 -17.57
N ASN A 16 39.00 7.12 -16.95
CA ASN A 16 40.00 6.36 -17.70
C ASN A 16 39.38 5.09 -18.28
N ILE A 17 38.52 4.40 -17.52
CA ILE A 17 37.90 3.18 -18.05
C ILE A 17 36.87 3.51 -19.14
N VAL A 18 36.07 4.56 -18.94
CA VAL A 18 35.11 4.98 -19.98
C VAL A 18 35.85 5.23 -21.31
N LEU A 19 36.96 5.98 -21.27
CA LEU A 19 37.71 6.25 -22.50
C LEU A 19 38.24 4.95 -23.08
N LEU A 20 38.79 4.08 -22.23
CA LEU A 20 39.31 2.79 -22.70
C LEU A 20 38.22 1.98 -23.41
N LEU A 21 37.02 1.99 -22.87
CA LEU A 21 35.93 1.23 -23.47
C LEU A 21 35.53 1.83 -24.80
N LEU A 22 35.29 3.15 -24.83
CA LEU A 22 34.96 3.82 -26.08
C LEU A 22 36.06 3.66 -27.10
N GLN A 23 37.31 3.81 -26.68
CA GLN A 23 38.43 3.69 -27.60
C GLN A 23 38.42 2.34 -28.28
N ASN A 24 37.94 1.31 -27.59
CA ASN A 24 37.91 -0.05 -28.12
C ASN A 24 36.60 -0.41 -28.81
N GLY A 25 35.70 0.57 -29.01
CA GLY A 25 34.47 0.35 -29.76
C GLY A 25 33.21 0.09 -28.95
N ALA A 26 33.25 0.26 -27.64
CA ALA A 26 32.02 0.08 -26.87
C ALA A 26 31.00 1.13 -27.28
N SER A 27 29.74 0.73 -27.34
CA SER A 27 28.70 1.69 -27.67
C SER A 27 28.26 2.41 -26.39
N PRO A 28 28.16 3.74 -26.40
CA PRO A 28 27.72 4.45 -25.19
C PRO A 28 26.23 4.31 -24.92
N ASP A 29 25.46 3.74 -25.85
CA ASP A 29 24.01 3.74 -25.73
C ASP A 29 23.40 2.40 -25.26
N VAL A 30 24.20 1.43 -24.81
CA VAL A 30 23.60 0.20 -24.31
C VAL A 30 22.79 0.54 -23.05
N THR A 31 21.66 -0.16 -22.86
CA THR A 31 20.77 0.04 -21.71
C THR A 31 20.82 -1.14 -20.74
N ASN A 32 20.48 -0.87 -19.48
CA ASN A 32 20.32 -1.89 -18.45
C ASN A 32 18.83 -2.25 -18.34
N ILE A 33 18.49 -3.05 -17.33
CA ILE A 33 17.13 -3.54 -17.19
C ILE A 33 16.13 -2.39 -17.01
N ARG A 34 16.55 -1.27 -16.42
CA ARG A 34 15.65 -0.12 -16.29
C ARG A 34 15.62 0.76 -17.54
N GLY A 35 16.25 0.34 -18.63
CA GLY A 35 16.30 1.18 -19.82
C GLY A 35 17.26 2.34 -19.73
N GLU A 36 18.15 2.37 -18.74
CA GLU A 36 19.04 3.49 -18.55
C GLU A 36 20.34 3.29 -19.33
N THR A 37 20.85 4.36 -19.92
CA THR A 37 22.15 4.35 -20.56
C THR A 37 23.23 4.77 -19.56
N ALA A 38 24.48 4.75 -20.02
CA ALA A 38 25.56 5.25 -19.15
C ALA A 38 25.34 6.71 -18.81
N LEU A 39 24.66 7.45 -19.69
CA LEU A 39 24.44 8.89 -19.42
C LEU A 39 23.43 9.08 -18.30
N HIS A 40 22.40 8.24 -18.25
CA HIS A 40 21.47 8.29 -17.13
C HIS A 40 22.21 8.08 -15.82
N MET A 41 23.14 7.13 -15.82
CA MET A 41 23.82 6.77 -14.57
C MET A 41 24.89 7.78 -14.20
N ALA A 42 25.60 8.31 -15.19
CA ALA A 42 26.54 9.39 -14.92
C ALA A 42 25.83 10.63 -14.34
N ALA A 43 24.68 10.98 -14.91
CA ALA A 43 23.88 12.07 -14.38
C ALA A 43 23.44 11.79 -12.95
N ARG A 44 22.86 10.62 -12.69
CA ARG A 44 22.40 10.31 -11.34
C ARG A 44 23.55 10.40 -10.35
N ALA A 45 24.74 9.97 -10.74
CA ALA A 45 25.88 10.02 -9.83
C ALA A 45 26.65 11.33 -9.87
N GLY A 46 26.21 12.31 -10.64
CA GLY A 46 26.88 13.61 -10.62
C GLY A 46 28.23 13.63 -11.28
N GLN A 47 28.51 12.66 -12.16
CA GLN A 47 29.82 12.51 -12.79
C GLN A 47 29.94 13.46 -13.97
N VAL A 48 30.25 14.71 -13.67
CA VAL A 48 30.25 15.75 -14.69
C VAL A 48 31.21 15.40 -15.83
N GLU A 49 32.43 14.95 -15.49
CA GLU A 49 33.40 14.70 -16.56
C GLU A 49 32.98 13.52 -17.43
N VAL A 50 32.41 12.48 -16.81
CA VAL A 50 31.92 11.33 -17.57
C VAL A 50 30.80 11.75 -18.51
N VAL A 51 29.87 12.59 -18.03
CA VAL A 51 28.80 13.10 -18.88
C VAL A 51 29.40 13.81 -20.09
N ARG A 52 30.39 14.68 -19.86
CA ARG A 52 30.98 15.44 -20.95
C ARG A 52 31.62 14.49 -21.96
N CYS A 53 32.27 13.44 -21.46
CA CYS A 53 32.99 12.51 -22.32
C CYS A 53 32.03 11.66 -23.17
N LEU A 54 30.95 11.19 -22.55
CA LEU A 54 29.92 10.42 -23.27
C LEU A 54 29.23 11.28 -24.33
N LEU A 55 28.83 12.50 -23.97
CA LEU A 55 28.24 13.38 -24.97
C LEU A 55 29.21 13.69 -26.10
N ARG A 56 30.47 14.01 -25.76
CA ARG A 56 31.43 14.35 -26.81
C ARG A 56 31.78 13.14 -27.69
N ASN A 57 31.47 11.94 -27.23
CA ASN A 57 31.73 10.73 -28.00
C ASN A 57 30.42 10.09 -28.49
N GLY A 58 29.38 10.91 -28.66
CA GLY A 58 28.23 10.51 -29.44
C GLY A 58 27.08 9.82 -28.72
N ALA A 59 27.08 9.78 -27.38
CA ALA A 59 25.94 9.21 -26.68
C ALA A 59 24.64 9.92 -27.06
N LEU A 60 23.55 9.14 -27.15
CA LEU A 60 22.20 9.65 -27.31
C LEU A 60 21.77 10.54 -26.13
N VAL A 61 21.57 11.84 -26.37
CA VAL A 61 21.42 12.78 -25.26
C VAL A 61 20.08 12.62 -24.55
N ASP A 62 19.01 12.26 -25.28
CA ASP A 62 17.64 12.17 -24.78
C ASP A 62 17.13 10.72 -24.72
N ALA A 63 18.03 9.76 -24.51
CA ALA A 63 17.61 8.38 -24.30
C ALA A 63 16.61 8.29 -23.16
N ARG A 64 15.55 7.49 -23.35
CA ARG A 64 14.43 7.43 -22.43
C ARG A 64 14.50 6.14 -21.61
N ALA A 65 14.44 6.29 -20.28
CA ALA A 65 14.41 5.14 -19.39
C ALA A 65 13.01 4.94 -18.84
N ARG A 66 12.91 4.41 -17.62
CA ARG A 66 11.62 4.22 -16.98
C ARG A 66 10.89 5.56 -16.87
N GLU A 67 9.57 5.50 -16.95
CA GLU A 67 8.72 6.69 -16.90
C GLU A 67 9.11 7.71 -17.97
N GLU A 68 9.80 7.27 -19.03
CA GLU A 68 10.25 8.13 -20.12
C GLU A 68 11.23 9.20 -19.61
N GLN A 69 12.02 8.87 -18.60
CA GLN A 69 12.97 9.83 -18.04
C GLN A 69 14.18 9.96 -18.96
N THR A 70 14.54 11.23 -19.31
CA THR A 70 15.83 11.49 -19.93
C THR A 70 16.88 11.77 -18.86
N PRO A 71 18.17 11.72 -19.23
CA PRO A 71 19.20 12.21 -18.29
C PRO A 71 18.93 13.60 -17.78
N LEU A 72 18.27 14.46 -18.57
CA LEU A 72 17.98 15.81 -18.13
C LEU A 72 16.98 15.82 -16.98
N HIS A 73 15.96 14.94 -17.02
CA HIS A 73 15.03 14.83 -15.90
C HIS A 73 15.78 14.51 -14.61
N ILE A 74 16.70 13.55 -14.69
CA ILE A 74 17.46 13.09 -13.53
C ILE A 74 18.38 14.19 -13.01
N ALA A 75 19.16 14.79 -13.91
CA ALA A 75 20.06 15.87 -13.49
C ALA A 75 19.27 17.02 -12.87
N SER A 76 18.11 17.35 -13.44
CA SER A 76 17.31 18.44 -12.88
C SER A 76 16.83 18.10 -11.49
N ARG A 77 16.40 16.86 -11.27
CA ARG A 77 15.87 16.47 -9.97
C ARG A 77 16.93 16.61 -8.89
N LEU A 78 18.16 16.23 -9.20
CA LEU A 78 19.25 16.26 -8.25
C LEU A 78 19.96 17.60 -8.26
N GLY A 79 19.45 18.58 -9.00
CA GLY A 79 20.09 19.88 -9.01
C GLY A 79 21.51 19.88 -9.52
N LYS A 80 21.84 19.02 -10.49
CA LYS A 80 23.19 18.98 -11.08
C LYS A 80 23.29 20.02 -12.19
N THR A 81 23.44 21.28 -11.79
CA THR A 81 23.36 22.40 -12.74
C THR A 81 24.35 22.23 -13.91
N GLU A 82 25.59 21.87 -13.59
CA GLU A 82 26.57 21.78 -14.66
C GLU A 82 26.24 20.68 -15.65
N ILE A 83 25.66 19.56 -15.18
CA ILE A 83 25.23 18.50 -16.09
C ILE A 83 23.98 18.91 -16.88
N VAL A 84 23.08 19.66 -16.26
CA VAL A 84 21.94 20.20 -17.02
C VAL A 84 22.44 21.03 -18.19
N GLN A 85 23.37 21.95 -17.93
CA GLN A 85 23.93 22.78 -19.00
C GLN A 85 24.56 21.96 -20.12
N LEU A 86 25.38 20.96 -19.77
CA LEU A 86 26.03 20.11 -20.77
C LEU A 86 25.01 19.38 -21.62
N LEU A 87 23.98 18.81 -20.99
CA LEU A 87 22.95 18.10 -21.75
C LEU A 87 22.23 19.06 -22.71
N LEU A 88 21.91 20.27 -22.25
CA LEU A 88 21.21 21.20 -23.12
C LEU A 88 22.11 21.65 -24.27
N GLN A 89 23.40 21.83 -23.98
CA GLN A 89 24.34 22.21 -25.02
C GLN A 89 24.46 21.14 -26.09
N HIS A 90 24.15 19.88 -25.73
CA HIS A 90 24.14 18.78 -26.68
C HIS A 90 22.73 18.42 -27.13
N MET A 91 21.83 19.41 -27.15
CA MET A 91 20.51 19.33 -27.76
C MET A 91 19.50 18.53 -26.94
N ALA A 92 19.71 18.32 -25.64
CA ALA A 92 18.61 17.78 -24.85
C ALA A 92 17.42 18.72 -24.96
N HIS A 93 16.24 18.13 -25.14
CA HIS A 93 15.04 18.92 -25.27
C HIS A 93 14.61 19.43 -23.90
N PRO A 94 14.60 20.76 -23.68
CA PRO A 94 14.22 21.29 -22.37
C PRO A 94 12.80 20.97 -21.96
N ASP A 95 11.91 20.62 -22.90
CA ASP A 95 10.50 20.34 -22.58
C ASP A 95 10.17 18.84 -22.58
N ALA A 96 11.17 17.95 -22.65
CA ALA A 96 10.89 16.51 -22.63
C ALA A 96 10.05 16.16 -21.41
N ALA A 97 9.05 15.29 -21.59
CA ALA A 97 8.10 15.00 -20.53
C ALA A 97 8.19 13.54 -20.10
N THR A 98 8.10 13.31 -18.80
CA THR A 98 7.94 11.95 -18.30
C THR A 98 6.51 11.47 -18.60
N THR A 99 6.25 10.19 -18.31
CA THR A 99 4.94 9.64 -18.65
C THR A 99 3.81 10.37 -17.95
N ASN A 100 4.07 10.94 -16.76
CA ASN A 100 3.07 11.75 -16.06
C ASN A 100 3.04 13.22 -16.52
N GLY A 101 3.84 13.60 -17.51
CA GLY A 101 3.79 14.95 -18.03
C GLY A 101 4.71 15.96 -17.38
N TYR A 102 5.57 15.54 -16.45
CA TYR A 102 6.51 16.46 -15.81
C TYR A 102 7.65 16.80 -16.77
N THR A 103 7.92 18.09 -16.94
CA THR A 103 9.12 18.53 -17.67
C THR A 103 10.25 18.73 -16.67
N PRO A 104 11.50 18.94 -17.13
CA PRO A 104 12.55 19.35 -16.18
C PRO A 104 12.18 20.58 -15.37
N LEU A 105 11.42 21.51 -15.96
CA LEU A 105 10.98 22.67 -15.18
C LEU A 105 10.03 22.26 -14.08
N HIS A 106 9.09 21.37 -14.37
CA HIS A 106 8.20 20.88 -13.33
C HIS A 106 9.01 20.26 -12.22
N ILE A 107 10.02 19.48 -12.59
CA ILE A 107 10.82 18.80 -11.59
C ILE A 107 11.54 19.82 -10.73
N SER A 108 12.07 20.86 -11.35
CA SER A 108 12.86 21.82 -10.58
C SER A 108 11.97 22.60 -9.62
N ALA A 109 10.72 22.84 -10.01
CA ALA A 109 9.76 23.48 -9.11
C ALA A 109 9.40 22.56 -7.95
N ARG A 110 9.33 21.26 -8.21
CA ARG A 110 8.98 20.32 -7.15
C ARG A 110 10.12 20.18 -6.16
N GLU A 111 11.37 20.14 -6.64
CA GLU A 111 12.51 20.00 -5.75
C GLU A 111 13.09 21.34 -5.30
N GLY A 112 12.52 22.47 -5.71
CA GLY A 112 13.09 23.77 -5.38
C GLY A 112 14.53 23.90 -5.87
N GLN A 113 14.77 23.67 -7.15
CA GLN A 113 16.12 23.79 -7.72
C GLN A 113 16.13 25.04 -8.59
N VAL A 114 16.39 26.19 -7.97
CA VAL A 114 16.19 27.43 -8.70
C VAL A 114 17.31 27.65 -9.72
N ASP A 115 18.55 27.22 -9.41
CA ASP A 115 19.63 27.35 -10.39
C ASP A 115 19.35 26.50 -11.64
N VAL A 116 18.81 25.29 -11.45
CA VAL A 116 18.43 24.47 -12.60
C VAL A 116 17.30 25.14 -13.38
N ALA A 117 16.29 25.66 -12.67
CA ALA A 117 15.19 26.30 -13.39
C ALA A 117 15.69 27.52 -14.18
N SER A 118 16.63 28.27 -13.62
CA SER A 118 17.17 29.42 -14.33
C SER A 118 17.88 28.99 -15.62
N VAL A 119 18.67 27.92 -15.58
CA VAL A 119 19.33 27.41 -16.79
C VAL A 119 18.30 26.97 -17.82
N LEU A 120 17.28 26.21 -17.40
CA LEU A 120 16.27 25.74 -18.35
C LEU A 120 15.54 26.90 -19.01
N LEU A 121 15.14 27.90 -18.22
CA LEU A 121 14.41 29.03 -18.75
C LEU A 121 15.30 29.83 -19.70
N GLU A 122 16.58 29.99 -19.38
CA GLU A 122 17.44 30.71 -20.31
C GLU A 122 17.65 29.92 -21.60
N ALA A 123 17.62 28.59 -21.55
CA ALA A 123 17.78 27.76 -22.73
C ALA A 123 16.50 27.62 -23.56
N GLY A 124 15.41 28.28 -23.19
CA GLY A 124 14.21 28.28 -23.98
C GLY A 124 13.12 27.32 -23.56
N ALA A 125 13.21 26.73 -22.36
CA ALA A 125 12.14 25.86 -21.89
C ALA A 125 10.81 26.61 -21.84
N ALA A 126 9.72 25.93 -22.21
CA ALA A 126 8.40 26.53 -22.14
C ALA A 126 7.98 26.65 -20.67
N HIS A 127 7.57 27.84 -20.26
CA HIS A 127 7.41 28.05 -18.84
C HIS A 127 6.05 27.62 -18.30
N SER A 128 5.12 27.19 -19.14
CA SER A 128 3.78 26.95 -18.62
C SER A 128 3.13 25.69 -19.21
N LEU A 129 3.92 24.66 -19.53
CA LEU A 129 3.35 23.40 -19.98
C LEU A 129 2.64 22.69 -18.84
N ALA A 130 1.53 22.01 -19.14
CA ALA A 130 0.75 21.37 -18.08
C ALA A 130 0.95 19.87 -18.10
N THR A 131 1.04 19.29 -16.89
CA THR A 131 1.01 17.84 -16.72
C THR A 131 -0.31 17.26 -17.18
N LYS A 132 -0.47 15.94 -17.05
CA LYS A 132 -1.73 15.31 -17.39
C LYS A 132 -2.90 15.91 -16.62
N LYS A 133 -2.68 16.30 -15.36
CA LYS A 133 -3.73 16.84 -14.50
C LYS A 133 -3.89 18.34 -14.65
N GLY A 134 -3.13 18.99 -15.55
CA GLY A 134 -3.26 20.40 -15.77
C GLY A 134 -2.26 21.27 -15.03
N PHE A 135 -1.35 20.71 -14.25
CA PHE A 135 -0.44 21.53 -13.46
C PHE A 135 0.69 22.06 -14.34
N THR A 136 0.91 23.37 -14.29
CA THR A 136 2.09 24.01 -14.85
C THR A 136 3.22 24.01 -13.83
N PRO A 137 4.45 24.38 -14.21
CA PRO A 137 5.49 24.51 -13.17
C PRO A 137 5.10 25.44 -12.04
N LEU A 138 4.31 26.47 -12.34
CA LEU A 138 3.88 27.40 -11.29
C LEU A 138 2.95 26.70 -10.29
N HIS A 139 2.10 25.80 -10.78
CA HIS A 139 1.24 25.01 -9.89
C HIS A 139 2.08 24.14 -8.97
N VAL A 140 3.11 23.52 -9.52
CA VAL A 140 4.01 22.67 -8.73
C VAL A 140 4.74 23.50 -7.68
N ALA A 141 5.26 24.68 -8.07
CA ALA A 141 5.93 25.53 -7.09
C ALA A 141 4.97 25.92 -5.96
N ALA A 142 3.71 26.18 -6.30
CA ALA A 142 2.66 26.51 -5.33
C ALA A 142 2.33 25.34 -4.43
N LYS A 143 2.39 24.12 -4.94
CA LYS A 143 2.11 22.98 -4.09
C LYS A 143 3.27 22.67 -3.15
N TYR A 144 4.50 22.80 -3.62
CA TYR A 144 5.66 22.45 -2.81
C TYR A 144 6.30 23.65 -2.13
N GLY A 145 5.70 24.83 -2.26
CA GLY A 145 6.24 26.05 -1.68
C GLY A 145 7.61 26.45 -2.20
N SER A 146 7.84 26.31 -3.51
CA SER A 146 9.14 26.67 -4.09
C SER A 146 9.13 28.14 -4.50
N LEU A 147 9.34 29.00 -3.51
CA LEU A 147 9.14 30.44 -3.71
C LEU A 147 10.11 31.01 -4.74
N ASP A 148 11.39 30.63 -4.64
CA ASP A 148 12.39 31.20 -5.54
C ASP A 148 12.15 30.76 -6.97
N VAL A 149 11.68 29.52 -7.18
CA VAL A 149 11.33 29.07 -8.52
C VAL A 149 10.10 29.81 -9.01
N ALA A 150 9.11 30.02 -8.12
CA ALA A 150 7.91 30.75 -8.53
C ALA A 150 8.24 32.19 -8.94
N LYS A 151 9.15 32.84 -8.20
CA LYS A 151 9.61 34.18 -8.57
C LYS A 151 10.21 34.19 -9.98
N LEU A 152 11.03 33.19 -10.31
CA LEU A 152 11.65 33.11 -11.63
C LEU A 152 10.63 32.88 -12.73
N LEU A 153 9.73 31.91 -12.53
CA LEU A 153 8.65 31.67 -13.47
C LEU A 153 7.87 32.94 -13.77
N LEU A 154 7.46 33.67 -12.72
CA LEU A 154 6.64 34.85 -12.97
C LEU A 154 7.45 35.95 -13.62
N GLN A 155 8.75 36.05 -13.29
CA GLN A 155 9.60 37.03 -13.95
C GLN A 155 9.70 36.77 -15.45
N ARG A 156 9.67 35.51 -15.86
CA ARG A 156 9.62 35.14 -17.27
C ARG A 156 8.20 35.15 -17.83
N ARG A 157 7.25 35.75 -17.09
CA ARG A 157 5.87 35.93 -17.54
C ARG A 157 5.15 34.60 -17.71
N ALA A 158 5.45 33.62 -16.85
CA ALA A 158 4.63 32.42 -16.80
C ALA A 158 3.20 32.82 -16.48
N ALA A 159 2.24 32.04 -16.98
CA ALA A 159 0.83 32.41 -16.86
C ALA A 159 0.37 32.19 -15.43
N ALA A 160 0.04 33.27 -14.72
CA ALA A 160 -0.28 33.13 -13.30
C ALA A 160 -1.65 32.51 -13.06
N ASP A 161 -2.51 32.47 -14.08
CA ASP A 161 -3.90 32.03 -13.96
C ASP A 161 -4.20 30.76 -14.73
N SER A 162 -3.18 30.01 -15.16
CA SER A 162 -3.43 28.75 -15.86
C SER A 162 -4.22 27.84 -14.94
N ALA A 163 -5.22 27.16 -15.48
CA ALA A 163 -6.11 26.35 -14.66
C ALA A 163 -5.94 24.89 -15.01
N GLY A 164 -5.72 24.06 -13.98
CA GLY A 164 -5.65 22.63 -14.15
C GLY A 164 -6.97 22.02 -14.58
N LYS A 165 -7.11 20.70 -14.39
CA LYS A 165 -8.29 19.96 -14.86
C LYS A 165 -9.56 20.37 -14.11
N ASN A 166 -9.47 20.48 -12.78
CA ASN A 166 -10.58 20.88 -11.95
C ASN A 166 -10.66 22.39 -11.81
N GLY A 167 -10.00 23.15 -12.68
CA GLY A 167 -10.03 24.59 -12.64
C GLY A 167 -9.16 25.27 -11.59
N LEU A 168 -8.26 24.54 -10.93
CA LEU A 168 -7.42 25.16 -9.89
C LEU A 168 -6.31 25.97 -10.51
N THR A 169 -6.14 27.23 -10.08
CA THR A 169 -5.01 28.06 -10.48
C THR A 169 -3.88 27.91 -9.47
N PRO A 170 -2.66 28.37 -9.78
CA PRO A 170 -1.59 28.25 -8.77
C PRO A 170 -1.98 28.88 -7.44
N LEU A 171 -2.77 29.95 -7.48
CA LEU A 171 -3.20 30.62 -6.25
C LEU A 171 -4.08 29.68 -5.41
N HIS A 172 -5.05 29.01 -6.05
CA HIS A 172 -5.80 27.96 -5.34
C HIS A 172 -4.85 27.00 -4.67
N VAL A 173 -3.88 26.51 -5.44
CA VAL A 173 -2.99 25.45 -4.95
C VAL A 173 -2.16 25.96 -3.79
N ALA A 174 -1.61 27.18 -3.91
CA ALA A 174 -0.76 27.70 -2.83
C ALA A 174 -1.56 27.90 -1.53
N ALA A 175 -2.81 28.39 -1.64
CA ALA A 175 -3.64 28.55 -0.45
C ALA A 175 -3.99 27.19 0.15
N HIS A 176 -4.43 26.26 -0.70
CA HIS A 176 -4.77 24.92 -0.20
C HIS A 176 -3.61 24.26 0.54
N TYR A 177 -2.40 24.34 0.00
CA TYR A 177 -1.26 23.70 0.66
C TYR A 177 -0.60 24.61 1.69
N ASP A 178 -1.20 25.76 1.97
CA ASP A 178 -0.74 26.68 3.01
C ASP A 178 0.68 27.21 2.73
N ASN A 179 0.99 27.43 1.48
CA ASN A 179 2.26 28.04 1.07
C ASN A 179 1.96 29.51 0.88
N GLN A 180 2.01 30.24 1.97
CA GLN A 180 1.42 31.56 1.97
C GLN A 180 2.28 32.58 1.25
N LYS A 181 3.60 32.43 1.30
CA LYS A 181 4.46 33.35 0.56
C LYS A 181 4.23 33.22 -0.95
N VAL A 182 4.05 32.00 -1.45
CA VAL A 182 3.78 31.85 -2.86
C VAL A 182 2.44 32.48 -3.22
N ALA A 183 1.39 32.23 -2.42
CA ALA A 183 0.09 32.89 -2.65
C ALA A 183 0.23 34.41 -2.69
N LEU A 184 0.95 34.99 -1.73
CA LEU A 184 1.08 36.44 -1.72
C LEU A 184 1.87 36.95 -2.91
N LEU A 185 2.85 36.18 -3.38
CA LEU A 185 3.63 36.55 -4.55
C LEU A 185 2.77 36.54 -5.81
N LEU A 186 1.99 35.48 -6.00
CA LEU A 186 1.11 35.38 -7.14
C LEU A 186 0.18 36.59 -7.24
N LEU A 187 -0.46 36.97 -6.13
CA LEU A 187 -1.36 38.12 -6.13
C LEU A 187 -0.62 39.41 -6.46
N GLU A 188 0.53 39.61 -5.84
CA GLU A 188 1.33 40.80 -6.15
C GLU A 188 1.76 40.82 -7.61
N LYS A 189 1.94 39.65 -8.23
CA LYS A 189 2.34 39.57 -9.63
C LYS A 189 1.16 39.48 -10.58
N GLY A 190 -0.06 39.63 -10.09
CA GLY A 190 -1.21 39.81 -10.97
C GLY A 190 -2.14 38.63 -11.08
N ALA A 191 -1.90 37.56 -10.32
CA ALA A 191 -2.83 36.44 -10.33
C ALA A 191 -4.21 36.94 -9.94
N SER A 192 -5.23 36.38 -10.57
CA SER A 192 -6.60 36.85 -10.32
C SER A 192 -7.09 36.41 -8.94
N PRO A 193 -7.58 37.32 -8.11
CA PRO A 193 -8.23 36.90 -6.87
C PRO A 193 -9.61 36.30 -7.08
N HIS A 194 -10.15 36.34 -8.30
CA HIS A 194 -11.52 35.89 -8.57
C HIS A 194 -11.60 34.50 -9.16
N ALA A 195 -10.48 33.84 -9.44
CA ALA A 195 -10.53 32.60 -10.19
C ALA A 195 -11.34 31.54 -9.45
N THR A 196 -12.19 30.82 -10.19
CA THR A 196 -13.10 29.84 -9.61
C THR A 196 -12.73 28.45 -10.14
N ALA A 197 -12.57 27.49 -9.23
CA ALA A 197 -12.43 26.09 -9.62
C ALA A 197 -13.74 25.57 -10.25
N LYS A 198 -13.71 24.36 -10.81
CA LYS A 198 -14.91 23.79 -11.44
C LYS A 198 -16.10 23.76 -10.48
N ASN A 199 -15.86 23.58 -9.17
CA ASN A 199 -16.99 23.55 -8.25
C ASN A 199 -17.30 24.91 -7.64
N GLY A 200 -16.68 25.99 -8.14
CA GLY A 200 -16.99 27.31 -7.65
C GLY A 200 -16.08 27.83 -6.55
N TYR A 201 -15.22 27.00 -5.97
CA TYR A 201 -14.28 27.52 -4.96
C TYR A 201 -13.42 28.64 -5.51
N THR A 202 -13.35 29.75 -4.79
CA THR A 202 -12.38 30.83 -5.02
C THR A 202 -11.24 30.71 -4.02
N PRO A 203 -10.15 31.46 -4.21
CA PRO A 203 -9.12 31.50 -3.16
C PRO A 203 -9.67 32.02 -1.83
N LEU A 204 -10.62 32.94 -1.84
CA LEU A 204 -11.17 33.40 -0.58
C LEU A 204 -11.88 32.28 0.18
N HIS A 205 -12.57 31.39 -0.52
CA HIS A 205 -13.17 30.23 0.16
C HIS A 205 -12.10 29.47 0.92
N ILE A 206 -10.96 29.19 0.25
CA ILE A 206 -9.91 28.39 0.88
C ILE A 206 -9.33 29.12 2.07
N ALA A 207 -8.97 30.40 1.87
CA ALA A 207 -8.41 31.20 2.96
C ALA A 207 -9.37 31.23 4.14
N ALA A 208 -10.66 31.42 3.87
CA ALA A 208 -11.64 31.48 4.95
C ALA A 208 -11.71 30.18 5.71
N LYS A 209 -11.63 29.07 4.99
CA LYS A 209 -11.75 27.78 5.67
C LYS A 209 -10.51 27.49 6.51
N LYS A 210 -9.34 27.94 6.07
CA LYS A 210 -8.08 27.60 6.73
C LYS A 210 -7.60 28.71 7.66
N ASN A 211 -8.42 29.74 7.85
CA ASN A 211 -8.08 30.89 8.70
C ASN A 211 -6.77 31.55 8.24
N GLN A 212 -6.62 31.74 6.94
CA GLN A 212 -5.41 32.38 6.44
C GLN A 212 -5.71 33.87 6.37
N MET A 213 -5.51 34.55 7.51
CA MET A 213 -5.97 35.94 7.66
C MET A 213 -5.23 36.88 6.70
N GLN A 214 -3.92 36.74 6.60
CA GLN A 214 -3.14 37.58 5.69
C GLN A 214 -3.54 37.36 4.24
N ILE A 215 -3.70 36.09 3.82
CA ILE A 215 -4.16 35.84 2.45
C ILE A 215 -5.55 36.42 2.23
N ALA A 216 -6.47 36.22 3.19
CA ALA A 216 -7.84 36.71 2.97
C ALA A 216 -7.84 38.24 2.84
N SER A 217 -7.13 38.93 3.75
CA SER A 217 -6.99 40.39 3.69
C SER A 217 -6.48 40.86 2.34
N THR A 218 -5.44 40.20 1.83
CA THR A 218 -4.85 40.63 0.56
C THR A 218 -5.82 40.39 -0.59
N LEU A 219 -6.46 39.22 -0.62
CA LEU A 219 -7.51 38.98 -1.61
C LEU A 219 -8.57 40.08 -1.58
N LEU A 220 -9.03 40.43 -0.39
CA LEU A 220 -10.05 41.47 -0.28
C LEU A 220 -9.52 42.83 -0.73
N ASN A 221 -8.23 43.08 -0.49
CA ASN A 221 -7.59 44.30 -0.94
C ASN A 221 -7.47 44.35 -2.47
N TYR A 222 -7.27 43.20 -3.12
CA TYR A 222 -7.26 43.13 -4.58
C TYR A 222 -8.65 43.00 -5.19
N GLY A 223 -9.73 43.15 -4.40
CA GLY A 223 -11.07 43.20 -4.92
C GLY A 223 -11.91 41.92 -4.85
N ALA A 224 -11.44 40.86 -4.21
CA ALA A 224 -12.21 39.63 -4.16
C ALA A 224 -13.60 39.85 -3.56
N GLU A 225 -14.60 39.17 -4.13
CA GLU A 225 -15.96 39.26 -3.61
C GLU A 225 -16.14 38.35 -2.39
N THR A 226 -16.91 38.82 -1.40
CA THR A 226 -17.29 37.96 -0.28
C THR A 226 -18.52 37.11 -0.55
N ASN A 227 -19.43 37.54 -1.42
CA ASN A 227 -20.74 36.90 -1.49
C ASN A 227 -20.87 36.03 -2.73
N ILE A 228 -19.78 35.35 -3.10
CA ILE A 228 -19.78 34.40 -4.19
C ILE A 228 -20.01 33.01 -3.61
N VAL A 229 -20.59 32.12 -4.40
CA VAL A 229 -20.97 30.80 -3.91
C VAL A 229 -20.30 29.71 -4.73
N THR A 230 -20.06 28.59 -4.07
CA THR A 230 -19.76 27.36 -4.77
C THR A 230 -21.03 26.84 -5.46
N LYS A 231 -20.89 25.70 -6.15
CA LYS A 231 -22.05 25.06 -6.77
C LYS A 231 -23.04 24.52 -5.75
N GLN A 232 -22.64 24.39 -4.47
CA GLN A 232 -23.57 23.99 -3.43
C GLN A 232 -24.13 25.18 -2.67
N GLY A 233 -23.80 26.41 -3.07
CA GLY A 233 -24.25 27.61 -2.40
C GLY A 233 -23.40 28.05 -1.22
N VAL A 234 -22.18 27.53 -1.09
CA VAL A 234 -21.36 27.82 0.09
C VAL A 234 -20.59 29.12 -0.15
N THR A 235 -20.57 29.99 0.86
CA THR A 235 -19.83 31.25 0.84
C THR A 235 -18.58 31.14 1.69
N PRO A 236 -17.62 32.05 1.53
CA PRO A 236 -16.50 32.07 2.47
C PRO A 236 -16.96 32.22 3.92
N LEU A 237 -18.04 32.97 4.17
CA LEU A 237 -18.52 33.13 5.54
C LEU A 237 -19.03 31.82 6.12
N HIS A 238 -19.70 30.99 5.30
CA HIS A 238 -20.09 29.66 5.76
C HIS A 238 -18.90 28.88 6.28
N LEU A 239 -17.82 28.88 5.49
CA LEU A 239 -16.65 28.07 5.83
C LEU A 239 -15.99 28.59 7.10
N ALA A 240 -15.75 29.90 7.19
CA ALA A 240 -15.19 30.48 8.40
C ALA A 240 -16.04 30.17 9.62
N SER A 241 -17.37 30.19 9.48
CA SER A 241 -18.24 30.00 10.64
C SER A 241 -18.22 28.55 11.12
N GLN A 242 -18.29 27.61 10.18
CA GLN A 242 -18.19 26.19 10.52
C GLN A 242 -16.90 25.89 11.25
N GLU A 243 -15.79 26.54 10.86
CA GLU A 243 -14.51 26.18 11.49
C GLU A 243 -14.26 26.92 12.81
N GLY A 244 -15.11 27.88 13.16
CA GLY A 244 -14.90 28.64 14.39
C GLY A 244 -13.91 29.77 14.26
N HIS A 245 -13.63 30.24 13.04
CA HIS A 245 -12.57 31.23 12.85
C HIS A 245 -13.17 32.62 13.12
N THR A 246 -13.15 33.07 14.38
CA THR A 246 -13.89 34.29 14.72
C THR A 246 -13.30 35.53 14.04
N ASP A 247 -11.97 35.69 14.01
CA ASP A 247 -11.38 36.85 13.32
C ASP A 247 -11.70 36.86 11.83
N MET A 248 -11.78 35.68 11.19
CA MET A 248 -12.10 35.59 9.77
C MET A 248 -13.55 35.98 9.53
N VAL A 249 -14.46 35.42 10.34
CA VAL A 249 -15.87 35.82 10.31
C VAL A 249 -15.99 37.34 10.43
N THR A 250 -15.26 37.93 11.37
CA THR A 250 -15.36 39.37 11.54
C THR A 250 -14.79 40.11 10.34
N LEU A 251 -13.69 39.63 9.77
CA LEU A 251 -13.13 40.30 8.61
C LEU A 251 -14.10 40.26 7.43
N LEU A 252 -14.66 39.07 7.12
CA LEU A 252 -15.59 38.97 5.99
C LEU A 252 -16.82 39.85 6.20
N LEU A 253 -17.40 39.84 7.40
CA LEU A 253 -18.51 40.75 7.66
C LEU A 253 -18.08 42.20 7.50
N ASP A 254 -16.93 42.56 8.08
CA ASP A 254 -16.45 43.94 7.94
C ASP A 254 -16.35 44.36 6.49
N LYS A 255 -16.14 43.40 5.58
CA LYS A 255 -15.85 43.69 4.17
C LYS A 255 -17.04 43.39 3.27
N GLY A 256 -18.23 43.24 3.86
CA GLY A 256 -19.48 43.22 3.13
C GLY A 256 -20.20 41.87 2.99
N ALA A 257 -19.75 40.81 3.69
CA ALA A 257 -20.41 39.51 3.56
C ALA A 257 -21.86 39.62 4.00
N ASN A 258 -22.73 38.89 3.32
CA ASN A 258 -24.15 38.90 3.58
C ASN A 258 -24.46 37.78 4.57
N ILE A 259 -24.87 38.14 5.78
CA ILE A 259 -25.04 37.18 6.87
C ILE A 259 -26.19 36.20 6.62
N HIS A 260 -27.10 36.51 5.69
CA HIS A 260 -28.30 35.71 5.45
C HIS A 260 -28.15 34.67 4.36
N MET A 261 -26.99 34.57 3.72
CA MET A 261 -26.88 33.64 2.61
C MET A 261 -26.97 32.21 3.13
N SER A 262 -27.67 31.38 2.38
CA SER A 262 -27.83 29.98 2.77
C SER A 262 -27.34 29.08 1.65
N THR A 263 -26.92 27.88 2.02
CA THR A 263 -26.55 26.91 1.01
C THR A 263 -27.78 26.42 0.27
N LYS A 264 -27.54 25.59 -0.76
CA LYS A 264 -28.55 24.83 -1.47
C LYS A 264 -29.56 24.17 -0.55
N SER A 265 -29.11 23.63 0.58
CA SER A 265 -30.05 22.94 1.45
C SER A 265 -30.63 23.84 2.53
N GLY A 266 -30.30 25.14 2.54
CA GLY A 266 -30.91 26.08 3.48
C GLY A 266 -30.07 26.39 4.70
N LEU A 267 -28.82 25.96 4.74
CA LEU A 267 -27.97 26.16 5.92
C LEU A 267 -27.41 27.57 5.89
N THR A 268 -27.67 28.34 6.95
CA THR A 268 -27.01 29.63 7.09
C THR A 268 -25.72 29.43 7.90
N SER A 269 -24.92 30.50 7.96
CA SER A 269 -23.72 30.48 8.80
C SER A 269 -24.06 30.14 10.25
N LEU A 270 -25.20 30.61 10.74
CA LEU A 270 -25.60 30.35 12.11
C LEU A 270 -25.97 28.89 12.33
N HIS A 271 -26.62 28.23 11.33
CA HIS A 271 -26.79 26.77 11.41
C HIS A 271 -25.45 26.06 11.55
N LEU A 272 -24.43 26.52 10.82
CA LEU A 272 -23.15 25.79 10.86
C LEU A 272 -22.42 26.04 12.17
N ALA A 273 -22.50 27.26 12.72
CA ALA A 273 -21.97 27.45 14.06
C ALA A 273 -22.71 26.58 15.07
N ALA A 274 -24.04 26.47 14.92
CA ALA A 274 -24.82 25.63 15.80
C ALA A 274 -24.37 24.17 15.69
N GLN A 275 -24.17 23.69 14.47
CA GLN A 275 -23.67 22.33 14.28
C GLN A 275 -22.32 22.08 14.97
N GLU A 276 -21.42 23.05 14.92
CA GLU A 276 -20.07 22.85 15.41
C GLU A 276 -19.83 23.43 16.80
N ASP A 277 -20.89 23.86 17.49
CA ASP A 277 -20.81 24.42 18.85
C ASP A 277 -19.89 25.64 18.89
N LYS A 278 -19.96 26.53 17.88
CA LYS A 278 -19.04 27.68 17.85
C LYS A 278 -19.75 28.91 18.42
N VAL A 279 -19.79 28.97 19.75
CA VAL A 279 -20.58 29.99 20.46
C VAL A 279 -20.01 31.40 20.20
N ASN A 280 -18.69 31.53 20.14
CA ASN A 280 -18.15 32.86 19.88
C ASN A 280 -18.49 33.32 18.45
N VAL A 281 -18.42 32.40 17.48
CA VAL A 281 -18.89 32.72 16.12
C VAL A 281 -20.35 33.11 16.17
N ALA A 282 -21.19 32.30 16.84
CA ALA A 282 -22.62 32.54 16.82
C ALA A 282 -22.95 33.92 17.39
N ASP A 283 -22.21 34.34 18.41
CA ASP A 283 -22.38 35.67 18.98
C ASP A 283 -22.12 36.76 17.94
N ILE A 284 -20.98 36.66 17.23
CA ILE A 284 -20.67 37.66 16.20
C ILE A 284 -21.77 37.67 15.13
N LEU A 285 -22.21 36.48 14.69
CA LEU A 285 -23.26 36.40 13.66
C LEU A 285 -24.56 37.00 14.14
N THR A 286 -24.91 36.73 15.40
CA THR A 286 -26.10 37.30 16.02
C THR A 286 -26.01 38.82 16.04
N LYS A 287 -24.85 39.36 16.41
CA LYS A 287 -24.70 40.81 16.48
C LYS A 287 -24.80 41.47 15.11
N HIS A 288 -24.50 40.73 14.06
CA HIS A 288 -24.65 41.17 12.69
C HIS A 288 -26.02 40.84 12.09
N GLY A 289 -26.99 40.42 12.89
CA GLY A 289 -28.34 40.29 12.39
C GLY A 289 -28.77 38.92 11.89
N ALA A 290 -28.00 37.87 12.13
CA ALA A 290 -28.42 36.52 11.73
C ALA A 290 -29.81 36.21 12.30
N ASP A 291 -30.65 35.55 11.49
CA ASP A 291 -31.99 35.18 11.96
C ASP A 291 -31.87 33.94 12.83
N GLN A 292 -32.23 34.08 14.12
CA GLN A 292 -32.05 32.97 15.06
C GLN A 292 -32.95 31.78 14.75
N ASP A 293 -33.99 31.97 13.93
CA ASP A 293 -34.92 30.91 13.56
C ASP A 293 -35.02 30.72 12.06
N ALA A 294 -33.95 31.01 11.31
CA ALA A 294 -33.86 30.59 9.91
C ALA A 294 -34.08 29.09 9.81
N HIS A 295 -34.81 28.62 8.78
CA HIS A 295 -35.11 27.20 8.61
C HIS A 295 -34.37 26.62 7.42
N THR A 296 -33.79 25.43 7.56
CA THR A 296 -33.27 24.74 6.38
C THR A 296 -34.44 24.25 5.55
N LYS A 297 -34.12 23.61 4.42
CA LYS A 297 -35.15 23.06 3.54
C LYS A 297 -36.05 22.06 4.25
N LEU A 298 -35.49 21.23 5.13
CA LEU A 298 -36.31 20.33 5.94
C LEU A 298 -36.98 21.01 7.14
N GLY A 299 -36.62 22.25 7.44
CA GLY A 299 -37.25 23.00 8.52
C GLY A 299 -36.43 23.07 9.80
N TYR A 300 -35.14 22.74 9.77
CA TYR A 300 -34.28 22.79 10.97
C TYR A 300 -33.93 24.25 11.24
N THR A 301 -34.17 24.69 12.46
CA THR A 301 -33.61 25.95 12.93
C THR A 301 -32.23 25.69 13.56
N PRO A 302 -31.40 26.72 13.76
CA PRO A 302 -30.14 26.51 14.51
C PRO A 302 -30.34 25.80 15.85
N LEU A 303 -31.42 26.10 16.58
CA LEU A 303 -31.59 25.43 17.88
C LEU A 303 -31.82 23.95 17.68
N ILE A 304 -32.66 23.57 16.71
CA ILE A 304 -32.87 22.13 16.54
C ILE A 304 -31.59 21.46 16.06
N VAL A 305 -30.79 22.16 15.27
CA VAL A 305 -29.50 21.61 14.85
C VAL A 305 -28.61 21.36 16.07
N ALA A 306 -28.52 22.35 16.95
CA ALA A 306 -27.68 22.19 18.15
C ALA A 306 -28.21 21.06 19.03
N CYS A 307 -29.54 20.84 19.04
CA CYS A 307 -30.07 19.73 19.84
C CYS A 307 -29.70 18.38 19.23
N HIS A 308 -29.71 18.29 17.91
CA HIS A 308 -29.32 17.05 17.26
C HIS A 308 -27.91 16.64 17.65
N TYR A 309 -26.97 17.59 17.64
CA TYR A 309 -25.57 17.23 17.84
C TYR A 309 -25.17 17.25 19.31
N GLY A 310 -26.09 17.58 20.21
CA GLY A 310 -25.80 17.56 21.63
C GLY A 310 -24.94 18.71 22.10
N ASN A 311 -25.06 19.89 21.46
CA ASN A 311 -24.18 21.05 21.75
C ASN A 311 -24.88 21.96 22.75
N VAL A 312 -24.69 21.67 24.04
CA VAL A 312 -25.48 22.36 25.06
C VAL A 312 -25.07 23.83 25.19
N LYS A 313 -23.80 24.16 24.97
CA LYS A 313 -23.42 25.57 25.03
C LYS A 313 -24.12 26.36 23.91
N MET A 314 -24.26 25.77 22.73
CA MET A 314 -24.96 26.47 21.66
C MET A 314 -26.46 26.52 21.93
N VAL A 315 -27.00 25.45 22.55
CA VAL A 315 -28.40 25.46 22.97
C VAL A 315 -28.68 26.60 23.94
N ASN A 316 -27.84 26.72 24.98
CA ASN A 316 -28.02 27.78 25.97
C ASN A 316 -27.86 29.16 25.31
N PHE A 317 -26.90 29.30 24.41
CA PHE A 317 -26.70 30.60 23.79
C PHE A 317 -27.91 30.98 22.92
N LEU A 318 -28.39 30.04 22.11
CA LEU A 318 -29.50 30.34 21.21
C LEU A 318 -30.77 30.64 21.99
N LEU A 319 -30.99 29.92 23.10
CA LEU A 319 -32.17 30.23 23.91
C LEU A 319 -32.08 31.64 24.47
N LYS A 320 -30.88 32.08 24.85
CA LYS A 320 -30.81 33.43 25.39
C LYS A 320 -31.03 34.50 24.33
N GLN A 321 -30.76 34.21 23.06
CA GLN A 321 -31.06 35.18 22.01
C GLN A 321 -32.52 35.17 21.58
N GLY A 322 -33.38 34.36 22.22
CA GLY A 322 -34.79 34.32 21.87
C GLY A 322 -35.17 33.27 20.85
N ALA A 323 -34.30 32.31 20.54
CA ALA A 323 -34.69 31.22 19.64
C ALA A 323 -35.91 30.52 20.20
N ASN A 324 -36.76 30.09 19.29
CA ASN A 324 -38.06 29.50 19.61
C ASN A 324 -37.85 28.06 20.10
N VAL A 325 -38.12 27.82 21.38
CA VAL A 325 -37.91 26.50 21.95
C VAL A 325 -38.96 25.52 21.41
N ASN A 326 -40.03 26.03 20.81
CA ASN A 326 -41.08 25.18 20.29
C ASN A 326 -41.17 25.20 18.77
N ALA A 327 -40.07 25.53 18.10
CA ALA A 327 -40.05 25.49 16.64
C ALA A 327 -40.27 24.07 16.15
N LYS A 328 -40.80 23.93 14.94
CA LYS A 328 -41.08 22.63 14.36
C LYS A 328 -40.41 22.50 12.99
N THR A 329 -39.84 21.33 12.73
CA THR A 329 -39.44 21.04 11.36
C THR A 329 -40.69 20.77 10.53
N LYS A 330 -40.49 20.48 9.25
CA LYS A 330 -41.64 20.29 8.37
C LYS A 330 -42.36 18.99 8.67
N ASN A 331 -41.71 18.03 9.36
CA ASN A 331 -42.46 16.86 9.80
C ASN A 331 -42.70 16.86 11.32
N GLY A 332 -42.66 18.03 11.95
CA GLY A 332 -43.17 18.18 13.31
C GLY A 332 -42.16 17.94 14.43
N TYR A 333 -40.89 17.73 14.12
CA TYR A 333 -39.89 17.61 15.19
C TYR A 333 -39.65 18.96 15.85
N THR A 334 -39.69 18.99 17.16
CA THR A 334 -39.30 20.14 17.97
C THR A 334 -37.90 19.91 18.51
N PRO A 335 -37.26 20.93 19.12
CA PRO A 335 -35.98 20.67 19.80
C PRO A 335 -36.03 19.46 20.73
N LEU A 336 -37.12 19.32 21.47
CA LEU A 336 -37.27 18.19 22.38
C LEU A 336 -37.26 16.85 21.65
N HIS A 337 -37.96 16.76 20.49
CA HIS A 337 -37.97 15.49 19.74
C HIS A 337 -36.57 15.15 19.25
N GLN A 338 -35.86 16.15 18.70
CA GLN A 338 -34.54 15.89 18.15
C GLN A 338 -33.56 15.48 19.24
N ALA A 339 -33.59 16.14 20.39
CA ALA A 339 -32.71 15.75 21.49
C ALA A 339 -33.05 14.35 21.97
N ALA A 340 -34.35 14.01 22.01
CA ALA A 340 -34.79 12.69 22.47
C ALA A 340 -34.29 11.60 21.54
N GLN A 341 -34.45 11.84 20.23
CA GLN A 341 -34.01 10.86 19.23
C GLN A 341 -32.52 10.60 19.31
N GLN A 342 -31.71 11.60 19.68
CA GLN A 342 -30.26 11.43 19.74
C GLN A 342 -29.77 11.07 21.14
N GLY A 343 -30.70 10.86 22.10
CA GLY A 343 -30.26 10.43 23.40
C GLY A 343 -29.68 11.50 24.32
N HIS A 344 -29.94 12.80 24.06
CA HIS A 344 -29.21 13.86 24.78
C HIS A 344 -30.01 14.33 26.00
N THR A 345 -29.86 13.58 27.10
CA THR A 345 -30.62 13.88 28.31
C THR A 345 -30.32 15.29 28.85
N HIS A 346 -29.05 15.70 28.81
CA HIS A 346 -28.71 17.03 29.33
C HIS A 346 -29.44 18.13 28.55
N ILE A 347 -29.60 17.97 27.24
CA ILE A 347 -30.34 18.95 26.44
C ILE A 347 -31.83 18.91 26.73
N ILE A 348 -32.40 17.71 26.87
CA ILE A 348 -33.79 17.57 27.30
C ILE A 348 -34.04 18.42 28.55
N ASN A 349 -33.16 18.33 29.54
CA ASN A 349 -33.42 19.05 30.78
C ASN A 349 -33.38 20.57 30.61
N VAL A 350 -32.45 21.09 29.80
CA VAL A 350 -32.44 22.52 29.52
C VAL A 350 -33.71 22.94 28.76
N LEU A 351 -34.11 22.16 27.75
CA LEU A 351 -35.30 22.52 26.94
C LEU A 351 -36.56 22.55 27.80
N LEU A 352 -36.71 21.57 28.71
CA LEU A 352 -37.87 21.58 29.61
C LEU A 352 -37.87 22.80 30.52
N GLN A 353 -36.68 23.19 31.01
CA GLN A 353 -36.60 24.37 31.86
C GLN A 353 -36.96 25.64 31.10
N HIS A 354 -36.72 25.69 29.78
CA HIS A 354 -37.08 26.86 28.99
C HIS A 354 -38.46 26.77 28.36
N GLY A 355 -39.29 25.84 28.78
CA GLY A 355 -40.68 25.82 28.35
C GLY A 355 -41.01 24.97 27.15
N ALA A 356 -40.10 24.10 26.70
CA ALA A 356 -40.44 23.11 25.68
C ALA A 356 -41.67 22.30 26.10
N LYS A 357 -42.53 22.00 25.13
CA LYS A 357 -43.81 21.35 25.41
C LYS A 357 -43.64 19.84 25.31
N PRO A 358 -43.67 19.10 26.43
CA PRO A 358 -43.41 17.66 26.34
C PRO A 358 -44.48 16.87 25.61
N ASN A 359 -45.71 17.39 25.47
CA ASN A 359 -46.73 16.63 24.74
C ASN A 359 -46.81 16.96 23.26
N ALA A 360 -45.90 17.77 22.74
CA ALA A 360 -45.89 18.07 21.31
C ALA A 360 -45.71 16.78 20.54
N THR A 361 -46.47 16.64 19.46
CA THR A 361 -46.35 15.44 18.64
C THR A 361 -45.85 15.82 17.26
N THR A 362 -45.09 14.89 16.65
CA THR A 362 -44.67 14.99 15.26
C THR A 362 -45.85 14.82 14.32
N ALA A 363 -45.58 14.94 13.01
CA ALA A 363 -46.62 14.68 12.05
C ALA A 363 -47.18 13.27 12.21
N ASN A 364 -46.35 12.32 12.65
CA ASN A 364 -46.81 10.94 12.81
C ASN A 364 -47.49 10.69 14.16
N GLY A 365 -47.54 11.70 15.04
CA GLY A 365 -48.22 11.60 16.31
C GLY A 365 -47.36 11.20 17.50
N ASN A 366 -46.05 11.27 17.39
CA ASN A 366 -45.22 10.80 18.48
C ASN A 366 -44.73 11.95 19.34
N THR A 367 -44.74 11.74 20.65
CA THR A 367 -43.99 12.63 21.53
C THR A 367 -42.50 12.32 21.51
N ALA A 368 -41.73 13.25 22.08
CA ALA A 368 -40.32 13.01 22.30
C ALA A 368 -40.12 11.76 23.17
N LEU A 369 -40.96 11.57 24.19
CA LEU A 369 -40.85 10.37 25.03
C LEU A 369 -40.99 9.11 24.19
N ALA A 370 -41.97 9.10 23.28
CA ALA A 370 -42.22 7.90 22.50
C ALA A 370 -41.03 7.58 21.60
N ILE A 371 -40.37 8.62 21.07
CA ILE A 371 -39.24 8.41 20.18
C ILE A 371 -38.06 7.83 20.96
N ALA A 372 -37.76 8.43 22.13
CA ALA A 372 -36.68 7.93 22.97
C ALA A 372 -36.95 6.53 23.48
N LYS A 373 -38.23 6.23 23.72
CA LYS A 373 -38.61 4.92 24.22
C LYS A 373 -38.33 3.84 23.17
N ARG A 374 -38.72 4.09 21.92
CA ARG A 374 -38.50 3.12 20.86
C ARG A 374 -37.00 2.89 20.63
N LEU A 375 -36.20 3.91 20.81
CA LEU A 375 -34.77 3.82 20.57
C LEU A 375 -33.98 3.40 21.80
N GLY A 376 -34.64 3.18 22.93
CA GLY A 376 -33.92 2.67 24.09
C GLY A 376 -33.10 3.67 24.86
N TYR A 377 -33.39 4.97 24.79
CA TYR A 377 -32.67 5.95 25.60
C TYR A 377 -33.37 6.08 26.97
N ILE A 378 -33.05 5.13 27.86
CA ILE A 378 -33.77 5.00 29.14
C ILE A 378 -33.62 6.27 29.97
N SER A 379 -32.48 6.94 29.88
CA SER A 379 -32.28 8.15 30.67
C SER A 379 -33.22 9.24 30.20
N VAL A 380 -33.38 9.38 28.88
CA VAL A 380 -34.31 10.37 28.35
C VAL A 380 -35.74 10.02 28.76
N VAL A 381 -36.11 8.75 28.64
CA VAL A 381 -37.46 8.31 28.98
C VAL A 381 -37.76 8.63 30.44
N ASP A 382 -36.81 8.32 31.34
CA ASP A 382 -36.98 8.56 32.76
C ASP A 382 -37.18 10.04 33.04
N THR A 383 -36.53 10.91 32.29
CA THR A 383 -36.72 12.35 32.46
C THR A 383 -38.08 12.80 31.94
N LEU A 384 -38.43 12.42 30.72
CA LEU A 384 -39.70 12.88 30.11
C LEU A 384 -40.93 12.22 30.73
N LYS A 385 -40.74 11.05 31.34
CA LYS A 385 -41.84 10.30 31.97
C LYS A 385 -42.64 11.15 32.94
N VAL A 386 -41.95 11.95 33.76
CA VAL A 386 -42.60 12.74 34.79
C VAL A 386 -43.51 13.81 34.19
N VAL A 387 -43.21 14.30 32.99
CA VAL A 387 -43.87 15.50 32.46
C VAL A 387 -44.74 15.24 31.21
N THR A 388 -44.77 14.00 30.69
CA THR A 388 -45.50 13.68 29.47
C THR A 388 -46.74 12.85 29.78
N GLU A 389 -47.86 13.20 29.13
CA GLU A 389 -49.09 12.41 29.21
C GLU A 389 -48.84 10.98 28.74
N GLU A 390 -49.45 10.02 29.43
CA GLU A 390 -49.26 8.63 29.02
C GLU A 390 -49.93 8.39 27.68
N VAL A 391 -49.25 7.63 26.81
CA VAL A 391 -49.86 7.07 25.61
C VAL A 391 -49.52 5.58 25.58
N THR A 392 -50.45 4.77 25.07
CA THR A 392 -50.18 3.35 24.92
C THR A 392 -49.57 3.08 23.55
N THR A 393 -48.42 2.40 23.54
CA THR A 393 -47.79 1.95 22.30
C THR A 393 -48.44 0.65 21.83
N THR A 394 -48.80 0.60 20.54
CA THR A 394 -49.37 -0.58 19.91
C THR A 394 -48.53 -0.97 18.70
N THR A 395 -48.70 -2.21 18.23
CA THR A 395 -47.94 -2.62 17.07
C THR A 395 -48.32 -1.81 15.82
N THR A 396 -49.48 -1.13 15.81
CA THR A 396 -49.93 -0.30 14.69
C THR A 396 -49.44 1.14 14.77
N THR A 397 -48.74 1.50 15.84
CA THR A 397 -48.25 2.86 16.01
C THR A 397 -47.28 3.23 14.89
N ILE A 398 -47.50 4.38 14.26
CA ILE A 398 -46.59 4.86 13.23
C ILE A 398 -45.34 5.37 13.91
N THR A 399 -44.19 4.85 13.52
CA THR A 399 -42.93 5.25 14.13
C THR A 399 -42.13 6.16 13.19
N GLU A 400 -41.16 6.87 13.74
CA GLU A 400 -40.41 7.83 12.92
C GLU A 400 -39.25 7.16 12.17
N LYS A 401 -38.86 7.77 11.06
CA LYS A 401 -37.70 7.31 10.29
C LYS A 401 -36.49 8.09 10.81
N HIS A 402 -35.93 7.57 11.90
CA HIS A 402 -34.93 8.30 12.68
CA HIS A 402 -34.95 8.32 12.66
C HIS A 402 -33.67 8.60 11.85
N LYS A 403 -33.32 7.73 10.90
CA LYS A 403 -32.13 8.03 10.11
C LYS A 403 -32.35 9.16 9.09
N LEU A 404 -33.59 9.42 8.68
CA LEU A 404 -33.91 10.51 7.77
C LEU A 404 -34.11 11.84 8.49
N ASN A 405 -34.45 11.80 9.78
CA ASN A 405 -34.85 12.97 10.55
C ASN A 405 -33.63 13.56 11.25
N VAL A 406 -32.68 14.00 10.40
CA VAL A 406 -31.43 14.61 10.83
C VAL A 406 -31.22 15.90 10.02
N PRO A 407 -30.51 16.88 10.56
CA PRO A 407 -30.37 18.16 9.86
C PRO A 407 -29.48 17.97 8.65
N GLU A 408 -29.70 18.82 7.66
CA GLU A 408 -28.83 18.85 6.49
C GLU A 408 -27.41 19.19 6.92
N THR A 409 -26.45 18.73 6.14
CA THR A 409 -25.04 19.00 6.39
C THR A 409 -24.37 19.48 5.12
N MET A 410 -23.23 20.09 5.31
CA MET A 410 -22.44 20.64 4.22
CA MET A 410 -22.43 20.66 4.24
C MET A 410 -21.18 19.79 4.09
N THR A 411 -21.04 19.13 2.96
CA THR A 411 -19.93 18.22 2.78
C THR A 411 -19.01 18.58 1.63
N GLU A 412 -19.40 19.56 0.81
CA GLU A 412 -18.56 20.04 -0.28
C GLU A 412 -17.18 20.46 0.23
N VAL A 413 -16.15 20.14 -0.55
CA VAL A 413 -14.77 20.47 -0.23
C VAL A 413 -14.03 20.84 -1.51
N LEU A 414 -12.85 21.45 -1.35
CA LEU A 414 -12.03 21.75 -2.50
C LEU A 414 -11.60 20.44 -3.17
N ASP A 415 -11.49 20.49 -4.50
CA ASP A 415 -11.35 19.29 -5.34
C ASP A 415 -9.89 19.15 -5.76
N VAL A 416 -9.09 18.50 -4.90
CA VAL A 416 -7.68 18.22 -5.23
C VAL A 416 -7.41 16.71 -5.24
N GLY B 2 -1.41 5.15 30.02
CA GLY B 2 -2.54 5.66 30.78
C GLY B 2 -3.15 4.65 31.76
N LEU B 3 -2.44 4.41 32.87
CA LEU B 3 -2.85 3.40 33.84
C LEU B 3 -3.64 4.03 34.98
N THR B 4 -4.71 3.36 35.39
CA THR B 4 -5.52 3.71 36.53
C THR B 4 -5.13 2.84 37.72
N PRO B 5 -5.56 3.19 38.95
CA PRO B 5 -5.19 2.37 40.11
C PRO B 5 -5.43 0.88 39.95
N ILE B 6 -6.54 0.47 39.33
CA ILE B 6 -6.83 -0.95 39.27
C ILE B 6 -5.92 -1.65 38.27
N HIS B 7 -5.42 -0.92 37.26
CA HIS B 7 -4.44 -1.51 36.35
C HIS B 7 -3.15 -1.84 37.07
N VAL B 8 -2.64 -0.90 37.87
CA VAL B 8 -1.35 -1.10 38.54
C VAL B 8 -1.44 -2.23 39.54
N ALA B 9 -2.46 -2.19 40.40
CA ALA B 9 -2.64 -3.24 41.39
C ALA B 9 -2.77 -4.61 40.74
N ALA B 10 -3.50 -4.69 39.62
CA ALA B 10 -3.71 -5.96 38.92
C ALA B 10 -2.42 -6.49 38.33
N PHE B 11 -1.72 -5.62 37.60
CA PHE B 11 -0.41 -5.95 37.03
C PHE B 11 0.57 -6.44 38.09
N MET B 12 0.66 -5.72 39.22
CA MET B 12 1.62 -6.07 40.28
C MET B 12 1.16 -7.23 41.15
N GLY B 13 -0.05 -7.74 40.95
CA GLY B 13 -0.53 -8.82 41.79
C GLY B 13 -0.93 -8.43 43.20
N HIS B 14 -1.31 -7.17 43.42
CA HIS B 14 -1.74 -6.69 44.75
C HIS B 14 -3.22 -7.02 44.94
N LEU B 15 -3.46 -8.27 45.31
CA LEU B 15 -4.81 -8.80 45.30
C LEU B 15 -5.69 -8.05 46.29
N ASN B 16 -5.17 -7.75 47.49
CA ASN B 16 -6.03 -7.01 48.41
C ASN B 16 -6.36 -5.61 47.89
N ILE B 17 -5.43 -4.96 47.18
CA ILE B 17 -5.70 -3.65 46.62
C ILE B 17 -6.78 -3.73 45.55
N VAL B 18 -6.68 -4.74 44.67
CA VAL B 18 -7.72 -4.95 43.67
C VAL B 18 -9.06 -5.09 44.38
N LEU B 19 -9.11 -5.87 45.44
CA LEU B 19 -10.37 -6.06 46.16
C LEU B 19 -10.85 -4.76 46.78
N LEU B 20 -9.96 -4.02 47.45
CA LEU B 20 -10.37 -2.75 48.05
C LEU B 20 -10.93 -1.81 46.99
N LEU B 21 -10.29 -1.77 45.83
CA LEU B 21 -10.79 -0.89 44.76
C LEU B 21 -12.14 -1.35 44.27
N LEU B 22 -12.30 -2.65 44.01
CA LEU B 22 -13.61 -3.16 43.61
C LEU B 22 -14.66 -2.87 44.67
N GLN B 23 -14.31 -3.05 45.94
CA GLN B 23 -15.34 -2.88 46.97
C GLN B 23 -15.80 -1.43 47.04
N ASN B 24 -14.94 -0.48 46.66
CA ASN B 24 -15.27 0.93 46.69
C ASN B 24 -15.79 1.45 45.35
N GLY B 25 -16.10 0.55 44.42
CA GLY B 25 -16.83 0.93 43.23
C GLY B 25 -16.00 1.09 41.98
N ALA B 26 -14.70 0.80 42.03
CA ALA B 26 -13.90 0.93 40.82
C ALA B 26 -14.40 -0.04 39.76
N SER B 27 -14.33 0.39 38.52
CA SER B 27 -14.73 -0.55 37.46
C SER B 27 -13.54 -1.40 37.04
N PRO B 28 -13.71 -2.72 36.94
CA PRO B 28 -12.65 -3.55 36.39
C PRO B 28 -12.48 -3.35 34.92
N ASP B 29 -13.39 -2.65 34.23
CA ASP B 29 -13.36 -2.61 32.78
C ASP B 29 -12.80 -1.30 32.20
N VAL B 30 -12.23 -0.42 33.02
CA VAL B 30 -11.50 0.73 32.47
C VAL B 30 -10.34 0.27 31.60
N THR B 31 -10.10 0.96 30.49
CA THR B 31 -9.05 0.58 29.55
C THR B 31 -7.87 1.55 29.62
N ASN B 32 -6.66 1.03 29.37
CA ASN B 32 -5.54 1.95 29.17
C ASN B 32 -5.49 2.40 27.71
N ILE B 33 -4.38 3.01 27.27
CA ILE B 33 -4.35 3.56 25.92
C ILE B 33 -4.27 2.45 24.87
N ARG B 34 -3.68 1.31 25.23
CA ARG B 34 -3.67 0.15 24.33
C ARG B 34 -5.01 -0.59 24.33
N GLY B 35 -6.02 -0.01 24.98
CA GLY B 35 -7.33 -0.61 25.07
C GLY B 35 -7.43 -1.78 26.01
N GLU B 36 -6.49 -1.94 26.92
CA GLU B 36 -6.46 -3.13 27.75
C GLU B 36 -7.15 -2.86 29.07
N THR B 37 -7.91 -3.85 29.52
CA THR B 37 -8.49 -3.78 30.85
C THR B 37 -7.53 -4.37 31.86
N ALA B 38 -7.89 -4.29 33.14
CA ALA B 38 -7.07 -4.92 34.16
C ALA B 38 -7.00 -6.43 33.94
N LEU B 39 -8.02 -7.03 33.31
CA LEU B 39 -8.00 -8.45 33.00
C LEU B 39 -6.89 -8.78 32.00
N HIS B 40 -6.74 -7.96 30.95
CA HIS B 40 -5.63 -8.19 29.99
C HIS B 40 -4.29 -8.13 30.70
N MET B 41 -4.10 -7.14 31.55
CA MET B 41 -2.81 -6.93 32.19
C MET B 41 -2.50 -8.03 33.20
N ALA B 42 -3.51 -8.48 33.94
CA ALA B 42 -3.31 -9.58 34.87
C ALA B 42 -3.03 -10.88 34.12
N ALA B 43 -3.69 -11.10 32.98
CA ALA B 43 -3.34 -12.29 32.20
C ALA B 43 -1.88 -12.22 31.76
N ARG B 44 -1.43 -11.05 31.30
CA ARG B 44 -0.07 -10.99 30.78
C ARG B 44 0.96 -11.12 31.90
N ALA B 45 0.67 -10.59 33.10
CA ALA B 45 1.60 -10.73 34.21
C ALA B 45 1.51 -12.08 34.90
N GLY B 46 0.59 -12.94 34.47
CA GLY B 46 0.44 -14.26 35.06
C GLY B 46 -0.08 -14.23 36.48
N GLN B 47 -0.86 -13.19 36.82
CA GLN B 47 -1.38 -13.01 38.18
C GLN B 47 -2.67 -13.78 38.28
N VAL B 48 -2.53 -15.09 38.52
CA VAL B 48 -3.66 -16.01 38.48
C VAL B 48 -4.75 -15.56 39.46
N GLU B 49 -4.38 -15.25 40.70
CA GLU B 49 -5.38 -14.93 41.71
C GLU B 49 -6.09 -13.61 41.41
N VAL B 50 -5.39 -12.65 40.80
CA VAL B 50 -6.06 -11.42 40.38
C VAL B 50 -7.05 -11.70 39.25
N VAL B 51 -6.64 -12.51 38.27
CA VAL B 51 -7.59 -12.89 37.21
C VAL B 51 -8.84 -13.48 37.83
N ARG B 52 -8.65 -14.44 38.75
CA ARG B 52 -9.78 -15.10 39.41
C ARG B 52 -10.67 -14.09 40.13
N CYS B 53 -10.06 -13.17 40.87
CA CYS B 53 -10.81 -12.15 41.60
C CYS B 53 -11.58 -11.21 40.66
N LEU B 54 -10.92 -10.72 39.60
CA LEU B 54 -11.60 -9.84 38.64
C LEU B 54 -12.76 -10.55 37.97
N LEU B 55 -12.54 -11.79 37.54
CA LEU B 55 -13.63 -12.57 36.95
C LEU B 55 -14.78 -12.75 37.93
N ARG B 56 -14.48 -13.15 39.18
CA ARG B 56 -15.57 -13.38 40.14
C ARG B 56 -16.24 -12.09 40.56
N ASN B 57 -15.68 -10.95 40.25
CA ASN B 57 -16.32 -9.68 40.55
C ASN B 57 -16.87 -9.00 39.31
N GLY B 58 -17.06 -9.76 38.24
CA GLY B 58 -17.84 -9.31 37.11
C GLY B 58 -17.09 -8.61 35.99
N ALA B 59 -15.76 -8.68 35.96
CA ALA B 59 -15.03 -8.11 34.82
C ALA B 59 -15.52 -8.70 33.50
N LEU B 60 -15.57 -7.85 32.47
CA LEU B 60 -15.87 -8.31 31.11
C LEU B 60 -14.80 -9.29 30.59
N VAL B 61 -15.19 -10.55 30.41
CA VAL B 61 -14.22 -11.62 30.17
C VAL B 61 -13.62 -11.51 28.79
N ASP B 62 -14.42 -11.08 27.80
CA ASP B 62 -13.92 -11.01 26.42
C ASP B 62 -13.73 -9.57 25.96
N ALA B 63 -13.38 -8.65 26.87
CA ALA B 63 -13.00 -7.30 26.46
C ALA B 63 -11.94 -7.35 25.36
N ARG B 64 -12.09 -6.48 24.37
CA ARG B 64 -11.21 -6.44 23.20
C ARG B 64 -10.19 -5.31 23.32
N ALA B 65 -8.90 -5.64 23.22
CA ALA B 65 -7.87 -4.62 23.23
C ALA B 65 -7.45 -4.33 21.79
N ARG B 66 -6.18 -3.96 21.59
CA ARG B 66 -5.68 -3.72 20.25
C ARG B 66 -5.73 -5.00 19.42
N GLU B 67 -6.10 -4.86 18.15
CA GLU B 67 -6.27 -5.99 17.23
C GLU B 67 -7.39 -6.93 17.68
N GLU B 68 -8.34 -6.41 18.47
CA GLU B 68 -9.44 -7.20 19.05
C GLU B 68 -8.94 -8.40 19.85
N GLN B 69 -7.82 -8.22 20.55
CA GLN B 69 -7.32 -9.27 21.43
C GLN B 69 -8.17 -9.35 22.70
N THR B 70 -8.59 -10.59 23.08
CA THR B 70 -9.21 -10.82 24.39
C THR B 70 -8.15 -11.27 25.39
N PRO B 71 -8.45 -11.21 26.69
CA PRO B 71 -7.52 -11.84 27.67
C PRO B 71 -7.20 -13.29 27.35
N LEU B 72 -8.14 -14.03 26.77
CA LEU B 72 -7.84 -15.42 26.41
C LEU B 72 -6.77 -15.50 25.33
N HIS B 73 -6.73 -14.55 24.39
CA HIS B 73 -5.64 -14.56 23.39
C HIS B 73 -4.30 -14.40 24.09
N ILE B 74 -4.22 -13.46 25.03
CA ILE B 74 -2.96 -13.18 25.71
C ILE B 74 -2.53 -14.38 26.51
N ALA B 75 -3.41 -14.90 27.37
CA ALA B 75 -3.12 -16.10 28.16
C ALA B 75 -2.68 -17.28 27.30
N SER B 76 -3.32 -17.45 26.13
CA SER B 76 -3.00 -18.60 25.28
C SER B 76 -1.59 -18.48 24.68
N ARG B 77 -1.25 -17.29 24.18
CA ARG B 77 0.08 -17.01 23.63
C ARG B 77 1.18 -17.29 24.64
N LEU B 78 0.96 -16.93 25.90
CA LEU B 78 1.97 -17.06 26.95
C LEU B 78 1.91 -18.39 27.70
N GLY B 79 1.04 -19.32 27.29
CA GLY B 79 1.01 -20.60 27.97
C GLY B 79 0.45 -20.62 29.38
N LYS B 80 -0.38 -19.63 29.75
CA LYS B 80 -0.89 -19.53 31.14
C LYS B 80 -2.12 -20.44 31.26
N THR B 81 -1.87 -21.73 31.43
CA THR B 81 -2.95 -22.69 31.30
C THR B 81 -4.03 -22.48 32.36
N GLU B 82 -3.64 -22.08 33.56
CA GLU B 82 -4.63 -21.92 34.62
C GLU B 82 -5.50 -20.70 34.36
N ILE B 83 -4.88 -19.62 33.89
CA ILE B 83 -5.66 -18.45 33.49
C ILE B 83 -6.56 -18.78 32.30
N VAL B 84 -6.04 -19.52 31.31
CA VAL B 84 -6.91 -19.96 30.21
C VAL B 84 -8.11 -20.70 30.77
N GLN B 85 -7.87 -21.59 31.74
CA GLN B 85 -8.94 -22.36 32.33
C GLN B 85 -9.95 -21.46 33.04
N LEU B 86 -9.46 -20.52 33.86
CA LEU B 86 -10.35 -19.58 34.54
C LEU B 86 -11.20 -18.80 33.55
N LEU B 87 -10.56 -18.28 32.50
CA LEU B 87 -11.32 -17.46 31.55
C LEU B 87 -12.41 -18.27 30.88
N LEU B 88 -12.10 -19.51 30.49
CA LEU B 88 -13.13 -20.35 29.87
C LEU B 88 -14.24 -20.67 30.85
N GLN B 89 -13.90 -20.87 32.13
CA GLN B 89 -14.94 -21.17 33.10
C GLN B 89 -15.88 -19.98 33.27
N HIS B 90 -15.37 -18.76 33.09
CA HIS B 90 -16.19 -17.58 33.15
C HIS B 90 -16.70 -17.15 31.77
N MET B 91 -16.82 -18.08 30.83
CA MET B 91 -17.53 -17.95 29.56
C MET B 91 -16.80 -17.13 28.50
N ALA B 92 -15.49 -16.99 28.59
CA ALA B 92 -14.70 -16.53 27.45
C ALA B 92 -15.03 -17.40 26.24
N HIS B 93 -15.22 -16.78 25.08
CA HIS B 93 -15.56 -17.58 23.91
C HIS B 93 -14.30 -18.18 23.32
N PRO B 94 -14.17 -19.52 23.27
CA PRO B 94 -12.92 -20.12 22.77
C PRO B 94 -12.63 -19.84 21.31
N ASP B 95 -13.58 -19.33 20.54
CA ASP B 95 -13.37 -19.05 19.12
C ASP B 95 -13.21 -17.56 18.82
N ALA B 96 -13.04 -16.69 19.84
CA ALA B 96 -12.91 -15.26 19.55
C ALA B 96 -11.71 -15.04 18.62
N ALA B 97 -11.82 -14.10 17.69
CA ALA B 97 -10.77 -13.94 16.70
C ALA B 97 -10.17 -12.55 16.78
N THR B 98 -8.84 -12.47 16.64
CA THR B 98 -8.20 -11.18 16.46
C THR B 98 -8.56 -10.63 15.08
N THR B 99 -8.04 -9.44 14.75
CA THR B 99 -8.37 -8.83 13.47
C THR B 99 -7.84 -9.65 12.30
N ASN B 100 -6.68 -10.30 12.43
CA ASN B 100 -6.24 -11.15 11.33
C ASN B 100 -6.89 -12.53 11.34
N GLY B 101 -7.85 -12.79 12.24
CA GLY B 101 -8.57 -14.05 12.25
C GLY B 101 -8.00 -15.14 13.13
N TYR B 102 -7.04 -14.83 14.02
CA TYR B 102 -6.44 -15.84 14.88
C TYR B 102 -7.34 -16.15 16.07
N THR B 103 -7.62 -17.42 16.30
CA THR B 103 -8.28 -17.87 17.53
C THR B 103 -7.24 -18.20 18.60
N PRO B 104 -7.67 -18.41 19.85
CA PRO B 104 -6.72 -18.95 20.83
C PRO B 104 -6.08 -20.26 20.37
N LEU B 105 -6.80 -21.08 19.60
CA LEU B 105 -6.20 -22.32 19.11
C LEU B 105 -5.12 -22.04 18.07
N HIS B 106 -5.37 -21.13 17.12
CA HIS B 106 -4.29 -20.73 16.21
C HIS B 106 -3.08 -20.26 16.99
N ILE B 107 -3.31 -19.44 18.02
CA ILE B 107 -2.20 -18.92 18.81
C ILE B 107 -1.43 -20.06 19.47
N SER B 108 -2.16 -21.00 20.09
CA SER B 108 -1.47 -22.11 20.74
C SER B 108 -0.65 -22.93 19.73
N ALA B 109 -1.12 -23.03 18.48
CA ALA B 109 -0.38 -23.78 17.47
C ALA B 109 0.85 -23.02 17.03
N ARG B 110 0.77 -21.69 17.01
CA ARG B 110 1.93 -20.90 16.63
C ARG B 110 2.98 -20.93 17.73
N GLU B 111 2.55 -20.91 19.00
CA GLU B 111 3.49 -20.88 20.12
C GLU B 111 3.77 -22.26 20.70
N GLY B 112 3.20 -23.33 20.14
CA GLY B 112 3.52 -24.66 20.64
C GLY B 112 3.04 -24.90 22.06
N GLN B 113 1.89 -24.33 22.42
CA GLN B 113 1.38 -24.45 23.78
C GLN B 113 0.39 -25.62 23.82
N VAL B 114 0.95 -26.81 24.04
CA VAL B 114 0.17 -28.05 23.96
C VAL B 114 -0.94 -28.10 25.02
N ASP B 115 -0.61 -27.75 26.26
CA ASP B 115 -1.61 -27.81 27.34
C ASP B 115 -2.77 -26.85 27.09
N VAL B 116 -2.47 -25.65 26.59
CA VAL B 116 -3.50 -24.68 26.26
C VAL B 116 -4.41 -25.23 25.17
N ALA B 117 -3.80 -25.72 24.08
CA ALA B 117 -4.56 -26.35 23.00
C ALA B 117 -5.48 -27.42 23.54
N SER B 118 -4.96 -28.26 24.44
CA SER B 118 -5.78 -29.29 25.06
C SER B 118 -6.97 -28.71 25.80
N VAL B 119 -6.71 -27.74 26.68
CA VAL B 119 -7.78 -27.13 27.47
C VAL B 119 -8.82 -26.49 26.56
N LEU B 120 -8.38 -25.84 25.47
CA LEU B 120 -9.30 -25.17 24.55
C LEU B 120 -10.19 -26.15 23.83
N LEU B 121 -9.62 -27.25 23.34
CA LEU B 121 -10.41 -28.25 22.62
C LEU B 121 -11.41 -28.94 23.54
N GLU B 122 -11.00 -29.31 24.75
CA GLU B 122 -11.92 -29.89 25.72
C GLU B 122 -13.02 -28.91 26.12
N ALA B 123 -12.80 -27.61 25.93
CA ALA B 123 -13.83 -26.62 26.20
C ALA B 123 -14.70 -26.32 24.99
N GLY B 124 -14.50 -27.02 23.87
CA GLY B 124 -15.34 -26.89 22.71
C GLY B 124 -14.88 -25.95 21.60
N ALA B 125 -13.61 -25.53 21.61
CA ALA B 125 -13.10 -24.66 20.55
C ALA B 125 -13.23 -25.35 19.19
N ALA B 126 -13.70 -24.61 18.19
CA ALA B 126 -13.78 -25.14 16.83
C ALA B 126 -12.38 -25.42 16.35
N HIS B 127 -12.15 -26.60 15.78
CA HIS B 127 -10.77 -26.96 15.53
C HIS B 127 -10.26 -26.58 14.14
N SER B 128 -11.11 -26.12 13.21
CA SER B 128 -10.65 -25.82 11.85
C SER B 128 -11.19 -24.46 11.35
N LEU B 129 -11.23 -23.44 12.20
CA LEU B 129 -11.60 -22.11 11.74
C LEU B 129 -10.43 -21.50 10.96
N ALA B 130 -10.75 -20.63 10.01
CA ALA B 130 -9.73 -20.09 9.11
C ALA B 130 -9.35 -18.65 9.48
N THR B 131 -8.05 -18.35 9.43
CA THR B 131 -7.63 -16.95 9.52
C THR B 131 -8.07 -16.19 8.26
N LYS B 132 -7.75 -14.90 8.23
CA LYS B 132 -8.04 -14.10 7.05
C LYS B 132 -7.20 -14.53 5.83
N LYS B 133 -6.13 -15.29 6.05
CA LYS B 133 -5.40 -15.91 4.94
C LYS B 133 -5.90 -17.31 4.63
N GLY B 134 -6.91 -17.79 5.36
CA GLY B 134 -7.43 -19.12 5.13
C GLY B 134 -6.76 -20.21 5.91
N PHE B 135 -5.95 -19.88 6.92
CA PHE B 135 -5.16 -20.88 7.63
C PHE B 135 -5.99 -21.42 8.80
N THR B 136 -6.10 -22.74 8.91
CA THR B 136 -6.62 -23.39 10.11
C THR B 136 -5.53 -23.52 11.17
N PRO B 137 -5.89 -23.92 12.40
CA PRO B 137 -4.83 -24.16 13.39
C PRO B 137 -3.85 -25.24 12.96
N LEU B 138 -4.31 -26.20 12.15
CA LEU B 138 -3.40 -27.21 11.61
C LEU B 138 -2.38 -26.60 10.66
N HIS B 139 -2.81 -25.65 9.81
CA HIS B 139 -1.85 -24.95 8.96
C HIS B 139 -0.80 -24.25 9.80
N VAL B 140 -1.23 -23.62 10.88
CA VAL B 140 -0.32 -22.86 11.73
C VAL B 140 0.67 -23.79 12.42
N ALA B 141 0.16 -24.91 12.96
CA ALA B 141 1.06 -25.89 13.56
C ALA B 141 2.03 -26.44 12.53
N ALA B 142 1.60 -26.57 11.27
CA ALA B 142 2.51 -27.02 10.22
C ALA B 142 3.61 -25.99 9.95
N LYS B 143 3.26 -24.70 10.05
CA LYS B 143 4.26 -23.66 9.74
C LYS B 143 5.28 -23.53 10.86
N TYR B 144 4.84 -23.59 12.12
CA TYR B 144 5.74 -23.38 13.26
C TYR B 144 6.24 -24.68 13.87
N GLY B 145 5.90 -25.83 13.29
CA GLY B 145 6.46 -27.06 13.78
C GLY B 145 5.97 -27.53 15.14
N SER B 146 4.69 -27.30 15.44
CA SER B 146 4.11 -27.67 16.75
C SER B 146 3.51 -29.07 16.63
N LEU B 147 4.39 -30.07 16.74
CA LEU B 147 3.98 -31.43 16.43
C LEU B 147 2.90 -31.94 17.38
N ASP B 148 3.03 -31.66 18.67
CA ASP B 148 2.06 -32.17 19.62
C ASP B 148 0.71 -31.45 19.49
N VAL B 149 0.71 -30.15 19.21
CA VAL B 149 -0.55 -29.49 18.87
C VAL B 149 -1.16 -30.12 17.63
N ALA B 150 -0.35 -30.40 16.61
CA ALA B 150 -0.88 -31.07 15.42
C ALA B 150 -1.50 -32.41 15.80
N LYS B 151 -0.84 -33.16 16.71
CA LYS B 151 -1.37 -34.47 17.10
C LYS B 151 -2.73 -34.35 17.77
N LEU B 152 -2.92 -33.32 18.61
CA LEU B 152 -4.19 -33.14 19.32
C LEU B 152 -5.31 -32.79 18.35
N LEU B 153 -5.02 -31.89 17.42
CA LEU B 153 -5.98 -31.47 16.42
C LEU B 153 -6.44 -32.65 15.56
N LEU B 154 -5.50 -33.48 15.10
CA LEU B 154 -5.90 -34.63 14.29
C LEU B 154 -6.65 -35.67 15.14
N GLN B 155 -6.29 -35.83 16.42
CA GLN B 155 -7.07 -36.66 17.32
C GLN B 155 -8.53 -36.20 17.40
N ARG B 156 -8.76 -34.89 17.41
CA ARG B 156 -10.12 -34.35 17.41
C ARG B 156 -10.73 -34.29 16.01
N ARG B 157 -10.06 -34.92 15.04
CA ARG B 157 -10.54 -35.05 13.66
C ARG B 157 -10.63 -33.69 12.95
N ALA B 158 -9.65 -32.82 13.20
CA ALA B 158 -9.54 -31.62 12.38
C ALA B 158 -9.29 -32.03 10.93
N ALA B 159 -9.90 -31.30 10.01
CA ALA B 159 -9.69 -31.52 8.57
C ALA B 159 -8.23 -31.40 8.18
N ALA B 160 -7.60 -32.51 7.76
CA ALA B 160 -6.20 -32.47 7.37
C ALA B 160 -5.97 -31.85 5.99
N ASP B 161 -7.03 -31.62 5.22
CA ASP B 161 -6.92 -31.16 3.84
C ASP B 161 -7.50 -29.77 3.58
N SER B 162 -7.88 -29.03 4.62
CA SER B 162 -8.40 -27.67 4.44
C SER B 162 -7.43 -26.85 3.59
N ALA B 163 -7.97 -26.07 2.65
CA ALA B 163 -7.11 -25.31 1.75
C ALA B 163 -7.17 -23.85 2.11
N GLY B 164 -6.01 -23.19 2.16
CA GLY B 164 -5.95 -21.77 2.37
C GLY B 164 -6.32 -21.02 1.10
N LYS B 165 -6.16 -19.71 1.17
CA LYS B 165 -6.67 -18.88 0.09
C LYS B 165 -5.91 -19.13 -1.21
N ASN B 166 -4.64 -19.57 -1.13
CA ASN B 166 -3.89 -19.90 -2.34
C ASN B 166 -3.85 -21.40 -2.61
N GLY B 167 -4.67 -22.17 -1.88
CA GLY B 167 -4.80 -23.59 -2.11
C GLY B 167 -3.88 -24.49 -1.29
N LEU B 168 -3.09 -23.93 -0.36
CA LEU B 168 -2.15 -24.78 0.39
C LEU B 168 -2.89 -25.52 1.48
N THR B 169 -2.62 -26.84 1.59
CA THR B 169 -3.03 -27.66 2.73
C THR B 169 -1.98 -27.58 3.81
N PRO B 170 -2.31 -28.00 5.03
CA PRO B 170 -1.25 -28.07 6.06
C PRO B 170 -0.04 -28.87 5.58
N LEU B 171 -0.23 -29.86 4.70
CA LEU B 171 0.91 -30.65 4.23
C LEU B 171 1.86 -29.83 3.36
N HIS B 172 1.31 -29.01 2.44
CA HIS B 172 2.15 -28.07 1.71
C HIS B 172 2.96 -27.21 2.67
N VAL B 173 2.29 -26.65 3.69
CA VAL B 173 2.96 -25.72 4.60
C VAL B 173 4.05 -26.43 5.38
N ALA B 174 3.73 -27.60 5.92
CA ALA B 174 4.70 -28.36 6.71
C ALA B 174 5.94 -28.64 5.88
N ALA B 175 5.75 -29.04 4.63
CA ALA B 175 6.92 -29.27 3.77
C ALA B 175 7.66 -27.96 3.51
N HIS B 176 6.93 -26.89 3.22
CA HIS B 176 7.61 -25.66 2.81
C HIS B 176 8.48 -25.10 3.95
N TYR B 177 8.00 -25.19 5.18
CA TYR B 177 8.74 -24.70 6.33
C TYR B 177 9.65 -25.76 6.95
N ASP B 178 9.83 -26.88 6.26
CA ASP B 178 10.76 -27.95 6.68
C ASP B 178 10.42 -28.53 8.05
N ASN B 179 9.14 -28.72 8.31
CA ASN B 179 8.71 -29.39 9.54
C ASN B 179 8.30 -30.81 9.17
N GLN B 180 9.30 -31.69 9.06
CA GLN B 180 9.07 -32.98 8.43
C GLN B 180 8.23 -33.92 9.30
N LYS B 181 8.37 -33.85 10.63
CA LYS B 181 7.56 -34.71 11.49
C LYS B 181 6.08 -34.36 11.37
N VAL B 182 5.76 -33.08 11.23
CA VAL B 182 4.36 -32.72 11.02
C VAL B 182 3.88 -33.25 9.67
N ALA B 183 4.68 -33.10 8.62
CA ALA B 183 4.28 -33.59 7.30
C ALA B 183 3.99 -35.08 7.34
N LEU B 184 4.87 -35.85 7.97
CA LEU B 184 4.70 -37.29 8.05
C LEU B 184 3.49 -37.65 8.89
N LEU B 185 3.26 -36.92 9.98
CA LEU B 185 2.05 -37.13 10.76
C LEU B 185 0.79 -36.86 9.94
N LEU B 186 0.80 -35.81 9.13
CA LEU B 186 -0.38 -35.51 8.32
C LEU B 186 -0.66 -36.65 7.35
N LEU B 187 0.39 -37.16 6.68
CA LEU B 187 0.20 -38.29 5.79
C LEU B 187 -0.33 -39.51 6.52
N GLU B 188 0.24 -39.81 7.69
CA GLU B 188 -0.19 -40.99 8.44
C GLU B 188 -1.65 -40.87 8.89
N LYS B 189 -2.13 -39.65 9.08
CA LYS B 189 -3.49 -39.41 9.51
C LYS B 189 -4.45 -39.13 8.35
N GLY B 190 -4.01 -39.32 7.11
CA GLY B 190 -4.91 -39.28 5.97
C GLY B 190 -4.88 -38.05 5.10
N ALA B 191 -3.94 -37.12 5.30
CA ALA B 191 -3.85 -35.98 4.41
C ALA B 191 -3.56 -36.46 3.00
N SER B 192 -4.21 -35.83 2.01
CA SER B 192 -4.05 -36.27 0.63
C SER B 192 -2.63 -35.98 0.13
N PRO B 193 -1.94 -36.97 -0.43
CA PRO B 193 -0.64 -36.68 -1.09
C PRO B 193 -0.78 -35.97 -2.42
N HIS B 194 -2.01 -35.83 -2.96
CA HIS B 194 -2.24 -35.30 -4.29
C HIS B 194 -2.65 -33.85 -4.27
N ALA B 195 -2.79 -33.24 -3.09
CA ALA B 195 -3.34 -31.90 -2.97
C ALA B 195 -2.57 -30.89 -3.82
N THR B 196 -3.29 -30.10 -4.62
CA THR B 196 -2.63 -29.09 -5.42
C THR B 196 -3.08 -27.69 -5.04
N ALA B 197 -2.10 -26.79 -4.97
CA ALA B 197 -2.39 -25.39 -4.75
C ALA B 197 -2.92 -24.78 -6.05
N LYS B 198 -3.29 -23.52 -5.97
CA LYS B 198 -3.96 -22.90 -7.11
C LYS B 198 -3.02 -22.77 -8.31
N ASN B 199 -1.71 -22.74 -8.12
CA ASN B 199 -0.79 -22.70 -9.25
C ASN B 199 -0.23 -24.08 -9.59
N GLY B 200 -0.83 -25.14 -9.03
CA GLY B 200 -0.51 -26.51 -9.33
C GLY B 200 0.55 -27.16 -8.45
N TYR B 201 1.18 -26.42 -7.53
CA TYR B 201 2.18 -27.04 -6.65
C TYR B 201 1.58 -28.17 -5.85
N THR B 202 2.28 -29.29 -5.82
CA THR B 202 1.94 -30.40 -4.94
C THR B 202 2.98 -30.53 -3.84
N PRO B 203 2.66 -31.29 -2.78
CA PRO B 203 3.69 -31.59 -1.79
C PRO B 203 4.93 -32.24 -2.39
N LEU B 204 4.80 -33.05 -3.43
CA LEU B 204 6.00 -33.66 -4.03
C LEU B 204 6.90 -32.63 -4.70
N HIS B 205 6.32 -31.57 -5.28
CA HIS B 205 7.12 -30.48 -5.83
C HIS B 205 7.98 -29.86 -4.74
N ILE B 206 7.36 -29.55 -3.58
CA ILE B 206 8.08 -28.95 -2.47
C ILE B 206 9.16 -29.91 -1.95
N ALA B 207 8.80 -31.17 -1.75
CA ALA B 207 9.78 -32.12 -1.21
C ALA B 207 10.96 -32.26 -2.17
N ALA B 208 10.68 -32.29 -3.48
CA ALA B 208 11.73 -32.41 -4.48
C ALA B 208 12.65 -31.20 -4.45
N LYS B 209 12.06 -30.02 -4.37
CA LYS B 209 12.85 -28.80 -4.34
C LYS B 209 13.76 -28.74 -3.10
N LYS B 210 13.26 -29.26 -1.97
CA LYS B 210 13.95 -29.09 -0.69
C LYS B 210 14.73 -30.33 -0.30
N ASN B 211 14.84 -31.32 -1.20
CA ASN B 211 15.54 -32.56 -0.91
C ASN B 211 15.00 -33.24 0.35
N GLN B 212 13.67 -33.23 0.52
CA GLN B 212 13.07 -33.90 1.68
C GLN B 212 12.81 -35.35 1.29
N MET B 213 13.84 -36.19 1.50
CA MET B 213 13.81 -37.56 0.98
C MET B 213 12.77 -38.41 1.70
N GLN B 214 12.57 -38.19 3.01
CA GLN B 214 11.59 -39.02 3.67
C GLN B 214 10.16 -38.57 3.35
N ILE B 215 9.96 -37.27 3.15
CA ILE B 215 8.63 -36.85 2.73
C ILE B 215 8.38 -37.35 1.31
N ALA B 216 9.36 -37.24 0.42
CA ALA B 216 9.17 -37.74 -0.94
C ALA B 216 8.87 -39.23 -0.93
N SER B 217 9.65 -40.03 -0.18
CA SER B 217 9.42 -41.47 -0.19
C SER B 217 8.04 -41.81 0.33
N THR B 218 7.60 -41.11 1.38
CA THR B 218 6.26 -41.40 1.91
C THR B 218 5.18 -40.99 0.91
N LEU B 219 5.28 -39.78 0.34
CA LEU B 219 4.32 -39.36 -0.67
C LEU B 219 4.19 -40.40 -1.78
N LEU B 220 5.33 -40.89 -2.26
CA LEU B 220 5.33 -41.89 -3.32
C LEU B 220 4.77 -43.22 -2.84
N ASN B 221 5.08 -43.60 -1.58
CA ASN B 221 4.44 -44.76 -0.96
C ASN B 221 2.93 -44.62 -0.94
N TYR B 222 2.42 -43.41 -0.77
CA TYR B 222 0.97 -43.17 -0.74
C TYR B 222 0.39 -42.92 -2.13
N GLY B 223 1.18 -43.06 -3.19
CA GLY B 223 0.69 -42.95 -4.54
C GLY B 223 0.86 -41.61 -5.25
N ALA B 224 1.63 -40.69 -4.69
CA ALA B 224 1.84 -39.39 -5.34
C ALA B 224 2.42 -39.60 -6.73
N GLU B 225 1.88 -38.88 -7.71
CA GLU B 225 2.35 -38.98 -9.08
C GLU B 225 3.56 -38.10 -9.32
N THR B 226 4.49 -38.58 -10.14
CA THR B 226 5.73 -37.82 -10.36
C THR B 226 5.66 -36.85 -11.53
N ASN B 227 4.72 -37.02 -12.46
CA ASN B 227 4.72 -36.19 -13.66
C ASN B 227 3.65 -35.10 -13.64
N ILE B 228 3.13 -34.76 -12.46
CA ILE B 228 2.22 -33.62 -12.34
C ILE B 228 2.96 -32.32 -12.63
N VAL B 229 2.23 -31.32 -13.13
CA VAL B 229 2.82 -30.04 -13.56
C VAL B 229 2.17 -28.87 -12.83
N THR B 230 2.96 -27.85 -12.54
CA THR B 230 2.41 -26.55 -12.16
C THR B 230 1.80 -25.88 -13.39
N LYS B 231 1.20 -24.72 -13.16
CA LYS B 231 0.63 -23.93 -14.24
C LYS B 231 1.68 -23.57 -15.30
N GLN B 232 2.96 -23.44 -14.93
CA GLN B 232 4.04 -23.19 -15.87
C GLN B 232 4.69 -24.47 -16.43
N GLY B 233 4.15 -25.64 -16.11
CA GLY B 233 4.67 -26.89 -16.62
C GLY B 233 5.81 -27.50 -15.83
N VAL B 234 6.03 -27.05 -14.59
CA VAL B 234 7.17 -27.48 -13.81
C VAL B 234 6.78 -28.79 -13.14
N THR B 235 7.68 -29.77 -13.15
CA THR B 235 7.47 -31.06 -12.51
C THR B 235 8.37 -31.13 -11.29
N PRO B 236 8.14 -32.09 -10.39
CA PRO B 236 9.15 -32.29 -9.32
C PRO B 236 10.58 -32.54 -9.82
N LEU B 237 10.75 -33.26 -10.93
CA LEU B 237 12.09 -33.50 -11.48
C LEU B 237 12.80 -32.20 -11.83
N HIS B 238 12.10 -31.25 -12.47
CA HIS B 238 12.71 -29.94 -12.73
C HIS B 238 13.30 -29.33 -11.47
N LEU B 239 12.48 -29.26 -10.39
CA LEU B 239 12.92 -28.59 -9.16
C LEU B 239 14.09 -29.32 -8.51
N ALA B 240 14.05 -30.66 -8.46
CA ALA B 240 15.16 -31.43 -7.90
C ALA B 240 16.44 -31.22 -8.70
N SER B 241 16.31 -31.18 -10.02
CA SER B 241 17.45 -31.00 -10.91
C SER B 241 18.05 -29.63 -10.72
N GLN B 242 17.20 -28.62 -10.69
CA GLN B 242 17.71 -27.26 -10.59
C GLN B 242 18.45 -27.06 -9.26
N GLU B 243 18.03 -27.76 -8.20
CA GLU B 243 18.66 -27.62 -6.89
C GLU B 243 19.85 -28.54 -6.70
N GLY B 244 20.12 -29.43 -7.64
CA GLY B 244 21.26 -30.33 -7.49
C GLY B 244 21.04 -31.54 -6.60
N HIS B 245 19.79 -31.98 -6.42
CA HIS B 245 19.51 -33.03 -5.43
C HIS B 245 19.56 -34.38 -6.12
N THR B 246 20.75 -34.98 -6.16
CA THR B 246 20.94 -36.20 -6.97
C THR B 246 20.14 -37.36 -6.44
N ASP B 247 20.10 -37.57 -5.12
CA ASP B 247 19.32 -38.68 -4.59
C ASP B 247 17.86 -38.50 -4.93
N MET B 248 17.38 -37.26 -4.92
CA MET B 248 15.97 -37.01 -5.24
C MET B 248 15.70 -37.23 -6.73
N VAL B 249 16.58 -36.73 -7.60
CA VAL B 249 16.44 -36.95 -9.04
C VAL B 249 16.34 -38.44 -9.34
N THR B 250 17.25 -39.23 -8.76
CA THR B 250 17.30 -40.68 -9.02
C THR B 250 16.03 -41.38 -8.55
N LEU B 251 15.52 -40.96 -7.38
CA LEU B 251 14.28 -41.52 -6.85
C LEU B 251 13.08 -41.19 -7.76
N LEU B 252 12.94 -39.90 -8.16
CA LEU B 252 11.86 -39.52 -9.07
C LEU B 252 11.91 -40.30 -10.35
N LEU B 253 13.12 -40.44 -10.93
CA LEU B 253 13.27 -41.25 -12.13
C LEU B 253 12.86 -42.69 -11.90
N ASP B 254 13.26 -43.28 -10.76
CA ASP B 254 12.91 -44.67 -10.56
C ASP B 254 11.41 -44.85 -10.40
N LYS B 255 10.69 -43.82 -9.93
CA LYS B 255 9.25 -43.90 -9.81
C LYS B 255 8.55 -43.30 -11.02
N GLY B 256 9.22 -43.21 -12.16
CA GLY B 256 8.58 -42.96 -13.44
C GLY B 256 8.62 -41.54 -13.94
N ALA B 257 9.40 -40.66 -13.34
CA ALA B 257 9.50 -39.28 -13.84
C ALA B 257 9.94 -39.28 -15.30
N ASN B 258 9.29 -38.46 -16.12
CA ASN B 258 9.62 -38.39 -17.55
C ASN B 258 10.68 -37.31 -17.76
N ILE B 259 11.82 -37.73 -18.32
CA ILE B 259 12.99 -36.87 -18.34
C ILE B 259 12.86 -35.76 -19.39
N HIS B 260 11.97 -35.93 -20.35
CA HIS B 260 11.83 -34.98 -21.46
C HIS B 260 10.82 -33.85 -21.20
N MET B 261 10.11 -33.88 -20.10
CA MET B 261 9.07 -32.88 -19.90
C MET B 261 9.65 -31.49 -19.81
N SER B 262 8.99 -30.53 -20.44
CA SER B 262 9.52 -29.20 -20.45
C SER B 262 8.46 -28.21 -19.96
N THR B 263 8.93 -27.11 -19.36
CA THR B 263 8.05 -26.02 -18.94
C THR B 263 7.38 -25.38 -20.15
N LYS B 264 6.52 -24.40 -19.92
CA LYS B 264 5.88 -23.70 -21.04
C LYS B 264 6.92 -23.03 -21.94
N SER B 265 8.01 -22.55 -21.36
CA SER B 265 9.05 -21.88 -22.13
C SER B 265 10.02 -22.85 -22.81
N GLY B 266 9.86 -24.15 -22.60
CA GLY B 266 10.70 -25.15 -23.24
C GLY B 266 11.87 -25.65 -22.44
N LEU B 267 11.94 -25.33 -21.15
CA LEU B 267 13.06 -25.73 -20.31
C LEU B 267 12.86 -27.18 -19.84
N THR B 268 13.87 -28.02 -20.07
CA THR B 268 13.87 -29.36 -19.49
C THR B 268 14.68 -29.36 -18.19
N SER B 269 14.66 -30.51 -17.49
CA SER B 269 15.47 -30.62 -16.28
C SER B 269 16.94 -30.40 -16.59
N LEU B 270 17.39 -30.84 -17.77
CA LEU B 270 18.80 -30.66 -18.14
C LEU B 270 19.15 -29.18 -18.36
N HIS B 271 18.24 -28.39 -18.94
CA HIS B 271 18.48 -26.94 -19.02
C HIS B 271 18.67 -26.37 -17.63
N LEU B 272 17.81 -26.79 -16.68
CA LEU B 272 17.87 -26.22 -15.35
C LEU B 272 19.16 -26.66 -14.64
N ALA B 273 19.57 -27.92 -14.82
CA ALA B 273 20.88 -28.34 -14.33
C ALA B 273 22.00 -27.51 -14.95
N ALA B 274 21.89 -27.19 -16.25
CA ALA B 274 22.93 -26.39 -16.89
C ALA B 274 22.95 -24.98 -16.34
N GLN B 275 21.78 -24.42 -16.10
CA GLN B 275 21.70 -23.08 -15.52
C GLN B 275 22.41 -23.01 -14.18
N GLU B 276 22.29 -24.07 -13.37
CA GLU B 276 22.77 -24.02 -12.00
C GLU B 276 24.08 -24.76 -11.80
N ASP B 277 24.73 -25.20 -12.88
CA ASP B 277 26.05 -25.86 -12.83
C ASP B 277 26.00 -27.18 -12.06
N LYS B 278 24.90 -27.93 -12.20
CA LYS B 278 24.74 -29.18 -11.44
C LYS B 278 25.21 -30.35 -12.30
N VAL B 279 26.53 -30.59 -12.31
CA VAL B 279 27.11 -31.56 -13.22
C VAL B 279 26.73 -32.99 -12.85
N ASN B 280 26.64 -33.29 -11.55
CA ASN B 280 26.27 -34.66 -11.17
C ASN B 280 24.83 -34.93 -11.55
N VAL B 281 23.95 -33.92 -11.43
CA VAL B 281 22.59 -34.09 -11.90
C VAL B 281 22.56 -34.26 -13.41
N ALA B 282 23.29 -33.42 -14.15
CA ALA B 282 23.36 -33.52 -15.60
C ALA B 282 23.83 -34.90 -16.04
N ASP B 283 24.76 -35.50 -15.27
CA ASP B 283 25.22 -36.85 -15.60
C ASP B 283 24.10 -37.89 -15.45
N ILE B 284 23.35 -37.83 -14.33
CA ILE B 284 22.22 -38.75 -14.15
C ILE B 284 21.19 -38.56 -15.28
N LEU B 285 20.84 -37.31 -15.58
CA LEU B 285 19.82 -37.04 -16.59
C LEU B 285 20.28 -37.53 -17.96
N THR B 286 21.54 -37.30 -18.30
CA THR B 286 22.08 -37.81 -19.57
C THR B 286 22.05 -39.32 -19.61
N LYS B 287 22.45 -39.98 -18.51
CA LYS B 287 22.43 -41.43 -18.47
C LYS B 287 21.03 -41.98 -18.68
N HIS B 288 20.01 -41.22 -18.30
CA HIS B 288 18.61 -41.60 -18.49
C HIS B 288 18.03 -41.12 -19.81
N GLY B 289 18.83 -40.55 -20.70
CA GLY B 289 18.39 -40.27 -22.05
C GLY B 289 17.95 -38.84 -22.34
N ALA B 290 18.24 -37.90 -21.46
CA ALA B 290 17.96 -36.51 -21.75
C ALA B 290 18.64 -36.11 -23.03
N ASP B 291 17.96 -35.27 -23.83
CA ASP B 291 18.53 -34.76 -25.07
C ASP B 291 19.46 -33.62 -24.72
N GLN B 292 20.76 -33.80 -24.96
CA GLN B 292 21.74 -32.74 -24.70
C GLN B 292 21.52 -31.51 -25.55
N ASP B 293 20.78 -31.65 -26.64
CA ASP B 293 20.54 -30.52 -27.53
C ASP B 293 19.05 -30.20 -27.62
N ALA B 294 18.32 -30.38 -26.52
CA ALA B 294 16.97 -29.85 -26.44
C ALA B 294 17.01 -28.33 -26.54
N HIS B 295 16.04 -27.76 -27.26
CA HIS B 295 15.94 -26.32 -27.41
C HIS B 295 14.76 -25.76 -26.64
N THR B 296 14.96 -24.63 -26.00
CA THR B 296 13.85 -23.88 -25.43
C THR B 296 13.08 -23.20 -26.55
N LYS B 297 11.98 -22.51 -26.20
CA LYS B 297 11.22 -21.85 -27.25
C LYS B 297 12.06 -20.80 -27.97
N LEU B 298 12.98 -20.13 -27.25
CA LEU B 298 13.90 -19.19 -27.87
C LEU B 298 15.03 -19.89 -28.60
N GLY B 299 15.17 -21.21 -28.42
CA GLY B 299 16.21 -21.96 -29.07
C GLY B 299 17.45 -22.23 -28.25
N TYR B 300 17.41 -22.03 -26.93
CA TYR B 300 18.59 -22.25 -26.10
C TYR B 300 18.79 -23.73 -25.83
N THR B 301 20.01 -24.24 -26.10
CA THR B 301 20.38 -25.59 -25.70
C THR B 301 21.01 -25.56 -24.32
N PRO B 302 21.11 -26.69 -23.67
CA PRO B 302 21.78 -26.69 -22.36
C PRO B 302 23.18 -26.10 -22.44
N LEU B 303 23.92 -26.37 -23.51
CA LEU B 303 25.27 -25.80 -23.63
C LEU B 303 25.23 -24.27 -23.71
N ILE B 304 24.30 -23.70 -24.49
CA ILE B 304 24.21 -22.25 -24.58
C ILE B 304 23.75 -21.66 -23.25
N VAL B 305 22.92 -22.39 -22.49
CA VAL B 305 22.53 -21.90 -21.17
C VAL B 305 23.75 -21.80 -20.28
N ALA B 306 24.57 -22.85 -20.27
CA ALA B 306 25.75 -22.83 -19.42
C ALA B 306 26.70 -21.73 -19.85
N CYS B 307 26.77 -21.46 -21.17
CA CYS B 307 27.62 -20.37 -21.65
C CYS B 307 27.12 -19.01 -21.17
N HIS B 308 25.80 -18.81 -21.10
CA HIS B 308 25.28 -17.54 -20.59
C HIS B 308 25.70 -17.30 -19.13
N TYR B 309 25.52 -18.30 -18.27
CA TYR B 309 25.77 -18.09 -16.85
C TYR B 309 27.23 -18.22 -16.47
N GLY B 310 28.09 -18.54 -17.42
CA GLY B 310 29.49 -18.69 -17.12
C GLY B 310 29.85 -19.95 -16.36
N ASN B 311 29.13 -21.06 -16.59
CA ASN B 311 29.28 -22.28 -15.79
C ASN B 311 30.28 -23.21 -16.45
N VAL B 312 31.54 -23.05 -16.05
CA VAL B 312 32.65 -23.70 -16.74
C VAL B 312 32.57 -25.22 -16.61
N LYS B 313 32.32 -25.72 -15.39
CA LYS B 313 32.19 -27.16 -15.18
C LYS B 313 31.13 -27.74 -16.12
N MET B 314 29.98 -27.08 -16.20
CA MET B 314 28.92 -27.59 -17.05
C MET B 314 29.31 -27.53 -18.52
N VAL B 315 29.90 -26.41 -18.95
CA VAL B 315 30.40 -26.30 -20.32
C VAL B 315 31.28 -27.51 -20.66
N ASN B 316 32.28 -27.79 -19.80
CA ASN B 316 33.20 -28.90 -20.06
C ASN B 316 32.47 -30.23 -20.08
N PHE B 317 31.56 -30.42 -19.12
CA PHE B 317 30.80 -31.68 -19.08
C PHE B 317 30.03 -31.89 -20.38
N LEU B 318 29.26 -30.90 -20.79
CA LEU B 318 28.40 -31.05 -21.97
C LEU B 318 29.25 -31.23 -23.21
N LEU B 319 30.36 -30.50 -23.31
CA LEU B 319 31.25 -30.70 -24.46
C LEU B 319 31.85 -32.09 -24.43
N LYS B 320 32.21 -32.58 -23.23
CA LYS B 320 32.78 -33.92 -23.12
C LYS B 320 31.76 -34.99 -23.50
N GLN B 321 30.48 -34.73 -23.30
CA GLN B 321 29.40 -35.63 -23.70
C GLN B 321 28.97 -35.45 -25.16
N GLY B 322 29.56 -34.52 -25.88
CA GLY B 322 29.21 -34.36 -27.28
C GLY B 322 28.09 -33.38 -27.57
N ALA B 323 27.82 -32.41 -26.70
CA ALA B 323 26.87 -31.37 -27.03
C ALA B 323 27.39 -30.56 -28.23
N ASN B 324 26.48 -30.04 -29.03
CA ASN B 324 26.83 -29.42 -30.30
C ASN B 324 27.44 -28.03 -30.03
N VAL B 325 28.74 -27.88 -30.27
CA VAL B 325 29.42 -26.62 -29.99
C VAL B 325 28.95 -25.50 -30.91
N ASN B 326 28.30 -25.85 -32.01
CA ASN B 326 27.84 -24.87 -32.99
C ASN B 326 26.31 -24.86 -33.07
N ALA B 327 25.63 -25.27 -32.00
CA ALA B 327 24.18 -25.11 -31.96
C ALA B 327 23.82 -23.63 -32.01
N LYS B 328 22.56 -23.35 -32.32
CA LYS B 328 22.16 -21.95 -32.39
C LYS B 328 20.74 -21.77 -31.88
N THR B 329 20.48 -20.58 -31.35
CA THR B 329 19.15 -20.19 -30.93
C THR B 329 18.37 -19.71 -32.14
N LYS B 330 17.11 -19.35 -31.91
CA LYS B 330 16.25 -18.88 -32.99
C LYS B 330 16.75 -17.57 -33.58
N ASN B 331 17.43 -16.74 -32.79
CA ASN B 331 18.07 -15.53 -33.30
C ASN B 331 19.48 -15.77 -33.80
N GLY B 332 19.91 -17.03 -33.91
CA GLY B 332 21.22 -17.32 -34.45
C GLY B 332 22.37 -17.20 -33.47
N TYR B 333 22.11 -17.06 -32.17
CA TYR B 333 23.20 -17.04 -31.20
C TYR B 333 23.77 -18.43 -31.04
N THR B 334 25.09 -18.56 -31.14
CA THR B 334 25.82 -19.78 -30.82
C THR B 334 26.32 -19.72 -29.39
N PRO B 335 26.84 -20.81 -28.84
CA PRO B 335 27.55 -20.69 -27.54
C PRO B 335 28.58 -19.57 -27.54
N LEU B 336 29.33 -19.38 -28.63
CA LEU B 336 30.34 -18.34 -28.67
C LEU B 336 29.73 -16.96 -28.56
N HIS B 337 28.63 -16.71 -29.30
CA HIS B 337 27.92 -15.44 -29.20
C HIS B 337 27.47 -15.20 -27.76
N GLN B 338 26.93 -16.24 -27.11
CA GLN B 338 26.35 -16.00 -25.79
C GLN B 338 27.42 -15.72 -24.77
N ALA B 339 28.52 -16.48 -24.81
CA ALA B 339 29.60 -16.21 -23.85
C ALA B 339 30.21 -14.85 -24.11
N ALA B 340 30.30 -14.45 -25.39
CA ALA B 340 30.87 -13.16 -25.72
C ALA B 340 30.01 -12.04 -25.18
N GLN B 341 28.70 -12.19 -25.30
CA GLN B 341 27.77 -11.16 -24.82
C GLN B 341 27.82 -11.02 -23.30
N GLN B 342 28.12 -12.09 -22.59
CA GLN B 342 28.19 -12.04 -21.13
C GLN B 342 29.63 -11.90 -20.65
N GLY B 343 30.58 -11.77 -21.59
CA GLY B 343 31.94 -11.43 -21.22
C GLY B 343 32.77 -12.55 -20.64
N HIS B 344 32.42 -13.82 -20.90
CA HIS B 344 33.08 -14.95 -20.24
C HIS B 344 34.29 -15.38 -21.05
N THR B 345 35.41 -14.67 -20.85
CA THR B 345 36.60 -14.86 -21.67
C THR B 345 37.08 -16.30 -21.64
N HIS B 346 37.07 -16.93 -20.47
CA HIS B 346 37.64 -18.26 -20.39
C HIS B 346 36.75 -19.28 -21.08
N ILE B 347 35.44 -19.08 -21.06
CA ILE B 347 34.55 -19.98 -21.78
C ILE B 347 34.76 -19.84 -23.29
N ILE B 348 34.97 -18.61 -23.77
CA ILE B 348 35.33 -18.37 -25.17
C ILE B 348 36.51 -19.26 -25.56
N ASN B 349 37.54 -19.27 -24.72
CA ASN B 349 38.76 -20.01 -25.04
C ASN B 349 38.48 -21.49 -25.10
N VAL B 350 37.63 -22.00 -24.20
CA VAL B 350 37.28 -23.42 -24.21
C VAL B 350 36.47 -23.76 -25.48
N LEU B 351 35.48 -22.92 -25.81
CA LEU B 351 34.66 -23.14 -27.01
C LEU B 351 35.49 -23.15 -28.27
N LEU B 352 36.47 -22.23 -28.39
CA LEU B 352 37.32 -22.22 -29.56
C LEU B 352 38.12 -23.52 -29.66
N GLN B 353 38.61 -24.03 -28.53
CA GLN B 353 39.34 -25.29 -28.52
C GLN B 353 38.50 -26.45 -29.05
N HIS B 354 37.19 -26.40 -28.84
CA HIS B 354 36.31 -27.48 -29.25
C HIS B 354 35.68 -27.22 -30.61
N GLY B 355 36.18 -26.25 -31.35
CA GLY B 355 35.73 -26.04 -32.71
C GLY B 355 34.57 -25.08 -32.91
N ALA B 356 34.24 -24.24 -31.92
CA ALA B 356 33.33 -23.14 -32.15
C ALA B 356 33.79 -22.32 -33.35
N LYS B 357 32.85 -21.93 -34.21
CA LYS B 357 33.18 -21.21 -35.43
C LYS B 357 33.16 -19.71 -35.13
N PRO B 358 34.31 -19.02 -35.13
CA PRO B 358 34.29 -17.58 -34.80
C PRO B 358 33.55 -16.72 -35.82
N ASN B 359 33.40 -17.17 -37.06
CA ASN B 359 32.80 -16.32 -38.07
C ASN B 359 31.29 -16.46 -38.16
N ALA B 360 30.70 -17.39 -37.40
CA ALA B 360 29.25 -17.54 -37.37
C ALA B 360 28.59 -16.20 -37.07
N THR B 361 27.47 -15.94 -37.75
CA THR B 361 26.74 -14.68 -37.59
C THR B 361 25.32 -14.95 -37.11
N THR B 362 24.78 -13.99 -36.38
CA THR B 362 23.41 -14.06 -35.89
C THR B 362 22.44 -13.79 -37.04
N ALA B 363 21.14 -13.78 -36.73
CA ALA B 363 20.14 -13.37 -37.73
C ALA B 363 20.38 -11.95 -38.20
N ASN B 364 20.92 -11.09 -37.33
CA ASN B 364 21.27 -9.73 -37.72
C ASN B 364 22.64 -9.61 -38.39
N GLY B 365 23.43 -10.68 -38.45
CA GLY B 365 24.70 -10.65 -39.13
C GLY B 365 25.92 -10.36 -38.27
N ASN B 366 25.79 -10.45 -36.95
CA ASN B 366 26.90 -10.14 -36.05
C ASN B 366 27.70 -11.37 -35.68
N THR B 367 29.02 -11.20 -35.63
CA THR B 367 29.87 -12.22 -35.03
C THR B 367 29.87 -12.07 -33.52
N ALA B 368 30.35 -13.12 -32.84
CA ALA B 368 30.62 -13.00 -31.40
C ALA B 368 31.55 -11.84 -31.13
N LEU B 369 32.53 -11.63 -31.99
CA LEU B 369 33.45 -10.50 -31.81
C LEU B 369 32.69 -9.18 -31.78
N ALA B 370 31.74 -9.00 -32.69
CA ALA B 370 31.03 -7.73 -32.79
C ALA B 370 30.25 -7.45 -31.53
N ILE B 371 29.67 -8.50 -30.92
CA ILE B 371 28.83 -8.30 -29.76
C ILE B 371 29.67 -7.92 -28.55
N ALA B 372 30.76 -8.67 -28.31
CA ALA B 372 31.68 -8.33 -27.23
C ALA B 372 32.22 -6.90 -27.40
N LYS B 373 32.55 -6.52 -28.63
CA LYS B 373 33.10 -5.19 -28.87
C LYS B 373 32.11 -4.11 -28.45
N ARG B 374 30.86 -4.24 -28.88
CA ARG B 374 29.86 -3.22 -28.57
C ARG B 374 29.60 -3.12 -27.07
N LEU B 375 29.69 -4.22 -26.37
CA LEU B 375 29.44 -4.24 -24.93
C LEU B 375 30.67 -3.92 -24.11
N GLY B 376 31.82 -3.72 -24.74
CA GLY B 376 33.04 -3.40 -24.02
C GLY B 376 33.75 -4.55 -23.35
N TYR B 377 33.55 -5.79 -23.80
CA TYR B 377 34.29 -6.93 -23.22
C TYR B 377 35.63 -7.07 -23.94
N ILE B 378 36.59 -6.27 -23.48
CA ILE B 378 37.86 -6.09 -24.19
C ILE B 378 38.70 -7.38 -24.22
N SER B 379 38.62 -8.19 -23.16
CA SER B 379 39.36 -9.45 -23.13
C SER B 379 38.82 -10.43 -24.16
N VAL B 380 37.49 -10.50 -24.26
CA VAL B 380 36.86 -11.33 -25.28
C VAL B 380 37.28 -10.86 -26.67
N VAL B 381 37.22 -9.55 -26.92
CA VAL B 381 37.62 -9.01 -28.23
C VAL B 381 39.04 -9.44 -28.56
N ASP B 382 39.95 -9.30 -27.58
CA ASP B 382 41.36 -9.61 -27.84
C ASP B 382 41.56 -11.07 -28.21
N THR B 383 40.76 -11.99 -27.66
CA THR B 383 40.93 -13.37 -28.08
C THR B 383 40.19 -13.66 -29.38
N LEU B 384 39.04 -13.05 -29.61
CA LEU B 384 38.31 -13.33 -30.84
C LEU B 384 38.96 -12.66 -32.05
N LYS B 385 39.60 -11.50 -31.87
CA LYS B 385 40.08 -10.77 -33.03
C LYS B 385 41.16 -11.52 -33.78
N VAL B 386 41.88 -12.43 -33.12
CA VAL B 386 42.93 -13.15 -33.83
C VAL B 386 42.42 -14.37 -34.59
N VAL B 387 41.15 -14.73 -34.45
CA VAL B 387 40.56 -15.85 -35.17
C VAL B 387 39.35 -15.46 -36.00
N THR B 388 38.93 -14.20 -35.96
CA THR B 388 37.76 -13.73 -36.70
C THR B 388 38.22 -12.86 -37.88
N GLU B 389 37.61 -13.09 -39.05
CA GLU B 389 37.97 -12.34 -40.24
C GLU B 389 37.62 -10.86 -40.09
N GLU B 390 38.33 -10.02 -40.85
CA GLU B 390 38.12 -8.58 -40.80
C GLU B 390 36.76 -8.20 -41.37
N VAL B 391 36.11 -7.22 -40.74
CA VAL B 391 34.78 -6.79 -41.17
C VAL B 391 34.86 -5.71 -42.26
N THR B 394 31.12 -2.17 -47.66
CA THR B 394 31.33 -2.81 -46.38
C THR B 394 30.01 -2.90 -45.60
N THR B 395 29.98 -3.70 -44.54
CA THR B 395 28.73 -4.18 -43.96
C THR B 395 28.05 -3.14 -43.07
N THR B 396 26.75 -2.94 -43.31
CA THR B 396 25.88 -2.20 -42.39
C THR B 396 25.21 -3.21 -41.47
N THR B 397 25.55 -3.20 -40.18
CA THR B 397 25.12 -4.25 -39.27
C THR B 397 24.29 -3.71 -38.11
N ILE B 398 23.14 -4.34 -37.88
CA ILE B 398 22.20 -3.99 -36.81
C ILE B 398 22.72 -4.48 -35.47
N THR B 399 22.40 -3.75 -34.40
CA THR B 399 22.81 -4.12 -33.04
C THR B 399 21.89 -5.20 -32.46
N GLU B 400 22.45 -6.06 -31.61
CA GLU B 400 21.65 -7.09 -30.96
C GLU B 400 20.89 -6.51 -29.78
N LYS B 401 19.73 -7.09 -29.50
CA LYS B 401 18.95 -6.70 -28.33
C LYS B 401 19.45 -7.57 -27.19
N HIS B 402 20.49 -7.12 -26.49
CA HIS B 402 21.27 -8.02 -25.62
C HIS B 402 20.44 -8.57 -24.46
N LYS B 403 19.48 -7.81 -23.97
CA LYS B 403 18.66 -8.31 -22.88
C LYS B 403 17.52 -9.21 -23.35
N LEU B 404 17.21 -9.21 -24.64
CA LEU B 404 16.30 -10.21 -25.19
C LEU B 404 16.98 -11.56 -25.40
N ASN B 405 18.28 -11.55 -25.71
CA ASN B 405 19.01 -12.76 -26.06
C ASN B 405 19.62 -13.38 -24.80
N VAL B 406 18.72 -13.89 -23.98
CA VAL B 406 19.08 -14.58 -22.74
C VAL B 406 18.18 -15.78 -22.56
N PRO B 407 18.69 -16.82 -21.92
CA PRO B 407 17.88 -18.03 -21.77
C PRO B 407 16.68 -17.76 -20.86
N GLU B 408 15.57 -18.40 -21.21
CA GLU B 408 14.42 -18.43 -20.32
C GLU B 408 14.85 -18.95 -18.96
N THR B 409 14.17 -18.48 -17.93
CA THR B 409 14.37 -18.89 -16.55
CA THR B 409 14.38 -19.09 -16.63
C THR B 409 13.02 -19.29 -15.97
N MET B 410 13.06 -19.98 -14.84
CA MET B 410 11.86 -20.45 -14.18
C MET B 410 11.79 -19.73 -12.84
N THR B 411 10.80 -18.84 -12.70
CA THR B 411 10.65 -18.00 -11.52
C THR B 411 9.43 -18.35 -10.68
N GLU B 412 8.57 -19.24 -11.16
CA GLU B 412 7.42 -19.66 -10.38
C GLU B 412 7.87 -20.37 -9.09
N VAL B 413 7.14 -20.12 -8.00
CA VAL B 413 7.45 -20.70 -6.69
C VAL B 413 6.13 -21.01 -5.98
N LEU B 414 6.26 -21.74 -4.88
CA LEU B 414 5.09 -21.97 -4.03
C LEU B 414 4.56 -20.64 -3.55
N ASP B 415 3.24 -20.46 -3.62
CA ASP B 415 2.62 -19.16 -3.32
C ASP B 415 2.31 -19.07 -1.83
N VAL B 416 3.30 -18.63 -1.05
CA VAL B 416 3.14 -18.40 0.39
C VAL B 416 3.17 -16.89 0.69
CA CA C . 0.26 -10.99 45.46
C ACT D . 18.66 -18.96 -37.56
O ACT D . 18.05 -19.83 -38.27
OXT ACT D . 19.38 -17.95 -37.89
CH3 ACT D . 18.52 -19.19 -36.09
#